data_6FP0
#
_entry.id   6FP0
#
_cell.length_a   74.592
_cell.length_b   46.577
_cell.length_c   133.996
_cell.angle_alpha   90.000
_cell.angle_beta   104.760
_cell.angle_gamma   90.000
#
_symmetry.space_group_name_H-M   'P 1 21 1'
#
loop_
_entity.id
_entity.type
_entity.pdbx_description
1 polymer 'Kynurenine 3-monooxygenase'
2 non-polymer 'FLAVIN-ADENINE DINUCLEOTIDE'
3 non-polymer '(2~{R})-2-[[(2~{R})-5-chloranyl-1-methyl-2,3-dihydroindol-2-yl]carbonylamino]-2-cyclohexyl-ethanoic acid'
4 non-polymer DI(HYDROXYETHYL)ETHER
5 water water
#
_entity_poly.entity_id   1
_entity_poly.type   'polypeptide(L)'
_entity_poly.pdbx_seq_one_letter_code
;TATDNARQVTIIGAGLAGTLVARLLARNGWQVNLFERRPDPRIETGARGRSINLALAERGAHALRLAGLEREVLAEAVMM
RGRMVHVPGTPPNLQPYGRDDSEVIWSINRDRLNRILLDGAEAAGASIHFNLGLDSVDFARQRLTLSNVSGERLEKRFHL
LIGADGCNSAVRQAMASVVDLGEHLETQPHGYKELQITPEASAQFNLEPNALHIWPHGDYMCIALPNLDRSFTVTLFLHH
QSPAAQPASPSFAQLVDGHAARRFFQRQFPDLSPMLDSLEQDFEHHPTGKLATLRLTTWHVGGQAVLLGDAAHPMVPFHG
QGMNCALEDAVALAEHLQSAADNASALAAFTAQRQPDALAIQAMALENYVEMSSKVASPTYLLERELGQIMAQRQPTRFI
PRYSMVTFSRLPYAQAMARGQIQEQLLKFAVANHSDLTSINLDAVEHEVTRCLPPLSHLS
;
_entity_poly.pdbx_strand_id   A,B
#
# COMPACT_ATOMS: atom_id res chain seq x y z
N ARG A 7 -24.92 -30.19 12.34
CA ARG A 7 -23.89 -29.27 11.88
C ARG A 7 -22.57 -29.50 12.62
N GLN A 8 -21.53 -29.76 11.85
CA GLN A 8 -20.25 -30.20 12.37
C GLN A 8 -19.19 -29.14 12.11
N VAL A 9 -18.27 -28.99 13.04
CA VAL A 9 -17.19 -28.00 12.89
C VAL A 9 -15.93 -28.56 13.52
N THR A 10 -14.81 -28.28 12.88
CA THR A 10 -13.49 -28.60 13.39
C THR A 10 -12.77 -27.30 13.72
N ILE A 11 -12.25 -27.19 14.94
CA ILE A 11 -11.51 -26.01 15.37
C ILE A 11 -10.07 -26.43 15.63
N ILE A 12 -9.13 -25.65 15.09
CA ILE A 12 -7.71 -25.86 15.30
C ILE A 12 -7.23 -24.78 16.28
N GLY A 13 -6.74 -25.22 17.43
CA GLY A 13 -6.15 -24.29 18.38
C GLY A 13 -7.00 -24.10 19.60
N ALA A 14 -6.65 -24.78 20.70
CA ALA A 14 -7.38 -24.65 21.96
C ALA A 14 -6.76 -23.53 22.81
N GLY A 15 -6.67 -22.36 22.21
CA GLY A 15 -6.19 -21.18 22.91
C GLY A 15 -7.36 -20.40 23.48
N LEU A 16 -7.36 -19.08 23.30
CA LEU A 16 -8.43 -18.28 23.87
C LEU A 16 -9.64 -18.18 22.95
N ALA A 17 -9.44 -17.78 21.68
CA ALA A 17 -10.55 -17.69 20.75
C ALA A 17 -11.11 -19.07 20.42
N GLY A 18 -10.24 -20.05 20.21
CA GLY A 18 -10.71 -21.35 19.78
C GLY A 18 -11.54 -22.08 20.82
N THR A 19 -11.12 -22.02 22.08
N THR A 19 -11.10 -22.04 22.08
CA THR A 19 -11.85 -22.71 23.13
CA THR A 19 -11.88 -22.73 23.12
C THR A 19 -13.16 -22.02 23.46
C THR A 19 -13.21 -22.03 23.36
N LEU A 20 -13.21 -20.69 23.32
CA LEU A 20 -14.46 -19.97 23.57
C LEU A 20 -15.47 -20.25 22.48
N VAL A 21 -15.05 -20.21 21.22
CA VAL A 21 -15.99 -20.47 20.13
C VAL A 21 -16.46 -21.92 20.18
N ALA A 22 -15.60 -22.83 20.65
CA ALA A 22 -16.03 -24.21 20.86
C ALA A 22 -17.22 -24.28 21.83
N ARG A 23 -17.12 -23.55 22.95
CA ARG A 23 -18.21 -23.55 23.91
C ARG A 23 -19.49 -22.98 23.32
N LEU A 24 -19.37 -21.82 22.64
CA LEU A 24 -20.56 -21.17 22.11
C LEU A 24 -21.26 -22.04 21.07
N LEU A 25 -20.49 -22.64 20.15
CA LEU A 25 -21.09 -23.47 19.12
C LEU A 25 -21.69 -24.75 19.73
N ALA A 26 -20.94 -25.42 20.60
CA ALA A 26 -21.49 -26.63 21.23
C ALA A 26 -22.77 -26.33 21.99
N ARG A 27 -22.82 -25.19 22.67
CA ARG A 27 -24.06 -24.78 23.33
C ARG A 27 -25.18 -24.60 22.32
N ASN A 28 -24.87 -24.11 21.13
CA ASN A 28 -25.87 -23.93 20.09
C ASN A 28 -26.16 -25.21 19.33
N GLY A 29 -25.69 -26.35 19.82
CA GLY A 29 -26.04 -27.62 19.22
C GLY A 29 -25.12 -28.11 18.14
N TRP A 30 -23.94 -27.52 17.97
CA TRP A 30 -22.99 -28.00 16.97
C TRP A 30 -22.23 -29.20 17.53
N GLN A 31 -21.81 -30.08 16.61
CA GLN A 31 -20.83 -31.12 16.95
C GLN A 31 -19.46 -30.51 16.75
N VAL A 32 -18.72 -30.33 17.84
CA VAL A 32 -17.48 -29.57 17.83
C VAL A 32 -16.33 -30.53 18.14
N ASN A 33 -15.31 -30.51 17.30
CA ASN A 33 -14.05 -31.20 17.56
C ASN A 33 -12.93 -30.18 17.53
N LEU A 34 -12.21 -30.08 18.63
CA LEU A 34 -11.14 -29.10 18.82
C LEU A 34 -9.82 -29.83 18.94
N PHE A 35 -8.86 -29.44 18.10
CA PHE A 35 -7.54 -30.05 18.07
C PHE A 35 -6.49 -29.05 18.52
N GLU A 36 -5.59 -29.49 19.40
CA GLU A 36 -4.59 -28.65 20.00
C GLU A 36 -3.26 -29.37 19.97
N ARG A 37 -2.21 -28.64 19.56
CA ARG A 37 -0.87 -29.23 19.46
C ARG A 37 -0.31 -29.57 20.83
N ARG A 38 -0.57 -28.72 21.82
CA ARG A 38 0.02 -28.90 23.13
C ARG A 38 -0.72 -29.94 23.95
N PRO A 39 -0.09 -30.45 25.01
CA PRO A 39 -0.79 -31.35 25.94
C PRO A 39 -1.86 -30.60 26.72
N ASP A 40 -2.74 -31.36 27.36
CA ASP A 40 -3.79 -30.77 28.16
C ASP A 40 -3.22 -30.13 29.41
N PRO A 41 -3.27 -28.80 29.55
CA PRO A 41 -2.66 -28.17 30.74
C PRO A 41 -3.37 -28.52 32.05
N ARG A 42 -4.55 -29.13 31.99
CA ARG A 42 -5.27 -29.50 33.21
C ARG A 42 -4.75 -30.79 33.82
N ILE A 43 -3.93 -31.56 33.11
CA ILE A 43 -3.32 -32.74 33.69
C ILE A 43 -2.28 -32.27 34.69
N GLU A 44 -2.41 -32.73 35.94
CA GLU A 44 -1.55 -32.22 37.01
C GLU A 44 -0.12 -32.70 36.84
N THR A 45 0.82 -31.78 36.94
CA THR A 45 2.25 -32.08 36.94
C THR A 45 2.88 -31.34 38.11
N GLY A 46 4.20 -31.49 38.27
CA GLY A 46 4.97 -30.67 39.16
C GLY A 46 5.35 -29.31 38.64
N ALA A 47 4.96 -28.99 37.40
CA ALA A 47 5.51 -27.85 36.69
C ALA A 47 5.07 -26.52 37.31
N ARG A 48 6.03 -25.62 37.49
CA ARG A 48 5.74 -24.23 37.81
C ARG A 48 5.47 -23.50 36.50
N GLY A 49 4.21 -23.12 36.28
CA GLY A 49 3.85 -22.39 35.08
C GLY A 49 4.49 -21.01 35.06
N ARG A 50 5.02 -20.64 33.89
CA ARG A 50 5.53 -19.29 33.65
C ARG A 50 4.69 -18.51 32.64
N SER A 51 3.38 -18.76 32.56
CA SER A 51 2.56 -18.04 31.60
C SER A 51 2.36 -16.60 32.05
N ILE A 52 2.15 -15.71 31.07
CA ILE A 52 2.01 -14.29 31.38
C ILE A 52 0.60 -14.00 31.87
N ASN A 53 0.48 -12.92 32.63
CA ASN A 53 -0.81 -12.39 33.03
C ASN A 53 -1.29 -11.39 31.98
N LEU A 54 -2.58 -11.44 31.71
CA LEU A 54 -3.20 -10.67 30.63
C LEU A 54 -4.19 -9.67 31.19
N ALA A 55 -4.29 -8.53 30.54
CA ALA A 55 -5.27 -7.50 30.90
C ALA A 55 -6.60 -7.84 30.24
N LEU A 56 -7.60 -8.14 31.05
CA LEU A 56 -8.95 -8.44 30.58
C LEU A 56 -9.80 -7.20 30.79
N ALA A 57 -10.33 -6.65 29.72
CA ALA A 57 -11.09 -5.42 29.78
C ALA A 57 -12.58 -5.74 29.63
N GLU A 58 -13.39 -4.69 29.57
CA GLU A 58 -14.85 -4.88 29.56
C GLU A 58 -15.30 -5.65 28.33
N ARG A 59 -14.62 -5.45 27.20
CA ARG A 59 -14.95 -6.20 25.99
C ARG A 59 -14.81 -7.70 26.23
N GLY A 60 -13.64 -8.12 26.70
CA GLY A 60 -13.42 -9.53 26.99
C GLY A 60 -14.34 -10.04 28.08
N ALA A 61 -14.53 -9.24 29.14
CA ALA A 61 -15.40 -9.68 30.23
C ALA A 61 -16.82 -9.92 29.74
N HIS A 62 -17.28 -9.09 28.81
CA HIS A 62 -18.64 -9.24 28.30
C HIS A 62 -18.78 -10.46 27.40
N ALA A 63 -17.76 -10.73 26.58
CA ALA A 63 -17.77 -11.95 25.77
C ALA A 63 -17.82 -13.19 26.65
N LEU A 64 -17.09 -13.17 27.79
CA LEU A 64 -17.15 -14.29 28.72
C LEU A 64 -18.52 -14.39 29.39
N ARG A 65 -19.13 -13.25 29.69
CA ARG A 65 -20.48 -13.23 30.24
C ARG A 65 -21.47 -13.91 29.29
N LEU A 66 -21.38 -13.60 28.00
CA LEU A 66 -22.28 -14.23 27.03
C LEU A 66 -22.11 -15.75 27.05
N ALA A 67 -20.89 -16.23 27.26
CA ALA A 67 -20.60 -17.65 27.34
C ALA A 67 -20.93 -18.25 28.70
N GLY A 68 -21.33 -17.45 29.67
CA GLY A 68 -21.63 -17.97 30.99
C GLY A 68 -20.42 -18.28 31.84
N LEU A 69 -19.27 -17.68 31.54
CA LEU A 69 -18.03 -18.01 32.20
C LEU A 69 -17.40 -16.83 32.96
N GLU A 70 -18.02 -15.65 32.93
CA GLU A 70 -17.38 -14.48 33.51
C GLU A 70 -17.08 -14.69 34.99
N ARG A 71 -18.03 -15.26 35.73
CA ARG A 71 -17.85 -15.42 37.18
C ARG A 71 -16.65 -16.29 37.49
N GLU A 72 -16.49 -17.40 36.75
CA GLU A 72 -15.39 -18.31 37.03
C GLU A 72 -14.05 -17.66 36.74
N VAL A 73 -13.96 -16.88 35.66
CA VAL A 73 -12.70 -16.22 35.31
C VAL A 73 -12.35 -15.14 36.32
N LEU A 74 -13.32 -14.27 36.64
CA LEU A 74 -13.02 -13.17 37.54
C LEU A 74 -12.70 -13.66 38.95
N ALA A 75 -13.22 -14.82 39.34
CA ALA A 75 -12.87 -15.38 40.64
C ALA A 75 -11.36 -15.62 40.74
N GLU A 76 -10.68 -15.83 39.61
CA GLU A 76 -9.25 -16.11 39.61
C GLU A 76 -8.44 -14.94 39.04
N ALA A 77 -9.03 -13.76 38.98
CA ALA A 77 -8.39 -12.59 38.40
C ALA A 77 -8.18 -11.52 39.46
N VAL A 78 -7.11 -10.75 39.30
CA VAL A 78 -6.76 -9.66 40.22
C VAL A 78 -7.28 -8.36 39.66
N MET A 79 -8.00 -7.60 40.47
CA MET A 79 -8.54 -6.33 40.04
C MET A 79 -7.43 -5.28 40.00
N MET A 80 -7.28 -4.62 38.86
CA MET A 80 -6.34 -3.51 38.71
C MET A 80 -7.16 -2.23 38.70
N ARG A 81 -7.12 -1.50 39.81
CA ARG A 81 -7.91 -0.28 39.95
C ARG A 81 -7.27 0.92 39.26
N GLY A 82 -6.01 0.84 38.87
CA GLY A 82 -5.36 1.98 38.27
C GLY A 82 -3.94 1.64 37.86
N ARG A 83 -3.22 2.67 37.45
CA ARG A 83 -1.83 2.53 37.03
C ARG A 83 -0.88 3.02 38.11
N MET A 84 0.26 2.33 38.22
CA MET A 84 1.40 2.76 39.02
C MET A 84 2.50 3.06 38.02
N VAL A 85 2.89 4.32 37.90
CA VAL A 85 3.88 4.75 36.92
C VAL A 85 5.20 4.98 37.65
N HIS A 86 6.16 4.11 37.43
CA HIS A 86 7.42 4.15 38.16
C HIS A 86 8.40 5.03 37.40
N VAL A 87 8.70 6.20 37.96
CA VAL A 87 9.73 7.09 37.42
C VAL A 87 10.54 7.66 38.56
N PRO A 88 11.78 8.02 38.29
CA PRO A 88 12.68 8.45 39.37
C PRO A 88 12.14 9.67 40.11
N GLY A 89 12.41 9.71 41.41
CA GLY A 89 12.20 10.90 42.20
C GLY A 89 11.32 10.72 43.41
N THR A 90 10.32 9.84 43.31
CA THR A 90 9.38 9.62 44.40
C THR A 90 8.64 8.33 44.13
N PRO A 91 8.19 7.63 45.16
CA PRO A 91 7.42 6.41 44.93
C PRO A 91 6.11 6.74 44.22
N PRO A 92 5.64 5.84 43.36
CA PRO A 92 4.43 6.17 42.59
C PRO A 92 3.16 6.12 43.44
N ASN A 93 2.22 6.98 43.06
CA ASN A 93 0.86 6.94 43.57
C ASN A 93 -0.08 6.39 42.50
N LEU A 94 -1.10 5.67 42.94
CA LEU A 94 -2.07 5.10 42.01
C LEU A 94 -2.75 6.21 41.20
N GLN A 95 -2.77 6.04 39.89
CA GLN A 95 -3.55 6.87 38.98
C GLN A 95 -4.81 6.09 38.63
N PRO A 96 -5.94 6.31 39.31
CA PRO A 96 -7.08 5.41 39.15
C PRO A 96 -7.67 5.47 37.75
N TYR A 97 -8.32 4.37 37.37
CA TYR A 97 -8.87 4.22 36.04
C TYR A 97 -10.18 5.00 35.88
N GLY A 98 -10.28 5.67 34.74
CA GLY A 98 -11.50 6.33 34.34
C GLY A 98 -12.04 7.31 35.37
N ARG A 99 -13.28 7.11 35.81
CA ARG A 99 -13.94 8.13 36.62
C ARG A 99 -14.80 7.53 37.74
N ASP A 100 -14.64 6.26 38.06
CA ASP A 100 -15.36 5.66 39.20
C ASP A 100 -14.78 4.29 39.49
N ASP A 101 -15.41 3.57 40.43
CA ASP A 101 -14.90 2.29 40.87
C ASP A 101 -15.20 1.17 39.89
N SER A 102 -16.29 1.30 39.11
CA SER A 102 -16.70 0.25 38.20
C SER A 102 -15.80 0.16 36.97
N GLU A 103 -14.92 1.12 36.75
CA GLU A 103 -13.99 1.10 35.62
C GLU A 103 -12.66 0.57 36.13
N VAL A 104 -12.44 -0.73 35.94
CA VAL A 104 -11.21 -1.40 36.32
C VAL A 104 -10.78 -2.28 35.16
N ILE A 105 -9.53 -2.74 35.23
CA ILE A 105 -9.00 -3.78 34.36
C ILE A 105 -8.68 -4.98 35.23
N TRP A 106 -8.99 -6.18 34.73
CA TRP A 106 -8.73 -7.42 35.44
C TRP A 106 -7.46 -8.06 34.90
N SER A 107 -6.62 -8.55 35.79
CA SER A 107 -5.42 -9.30 35.42
C SER A 107 -5.69 -10.79 35.62
N ILE A 108 -5.64 -11.55 34.54
CA ILE A 108 -5.94 -12.98 34.56
C ILE A 108 -4.75 -13.73 33.98
N ASN A 109 -4.30 -14.75 34.68
CA ASN A 109 -3.19 -15.56 34.18
C ASN A 109 -3.65 -16.38 32.97
N ARG A 110 -2.82 -16.39 31.94
CA ARG A 110 -3.20 -17.01 30.67
C ARG A 110 -3.53 -18.49 30.85
N ASP A 111 -2.73 -19.21 31.64
CA ASP A 111 -2.99 -20.64 31.82
C ASP A 111 -4.27 -20.86 32.63
N ARG A 112 -4.50 -20.07 33.68
CA ARG A 112 -5.74 -20.18 34.43
C ARG A 112 -6.94 -19.97 33.52
N LEU A 113 -6.91 -18.91 32.70
CA LEU A 113 -8.01 -18.63 31.78
C LEU A 113 -8.19 -19.78 30.81
N ASN A 114 -7.09 -20.27 30.23
CA ASN A 114 -7.15 -21.38 29.29
C ASN A 114 -7.79 -22.61 29.93
N ARG A 115 -7.41 -22.94 31.18
CA ARG A 115 -8.01 -24.12 31.81
C ARG A 115 -9.51 -23.94 32.04
N ILE A 116 -9.92 -22.73 32.45
CA ILE A 116 -11.35 -22.47 32.65
C ILE A 116 -12.10 -22.61 31.34
N LEU A 117 -11.56 -22.05 30.26
CA LEU A 117 -12.21 -22.17 28.97
C LEU A 117 -12.32 -23.63 28.52
N LEU A 118 -11.26 -24.41 28.70
CA LEU A 118 -11.30 -25.82 28.33
C LEU A 118 -12.40 -26.56 29.08
N ASP A 119 -12.48 -26.38 30.40
CA ASP A 119 -13.56 -26.98 31.17
C ASP A 119 -14.92 -26.52 30.65
N GLY A 120 -15.05 -25.21 30.36
CA GLY A 120 -16.30 -24.71 29.84
C GLY A 120 -16.66 -25.34 28.51
N ALA A 121 -15.67 -25.51 27.63
CA ALA A 121 -15.95 -26.10 26.32
C ALA A 121 -16.39 -27.55 26.45
N GLU A 122 -15.72 -28.34 27.30
CA GLU A 122 -16.12 -29.72 27.50
C GLU A 122 -17.48 -29.82 28.17
N ALA A 123 -17.77 -28.93 29.12
CA ALA A 123 -19.07 -28.96 29.80
C ALA A 123 -20.20 -28.69 28.83
N ALA A 124 -19.95 -27.92 27.76
CA ALA A 124 -20.97 -27.66 26.75
C ALA A 124 -21.08 -28.76 25.70
N GLY A 125 -20.18 -29.74 25.71
CA GLY A 125 -20.28 -30.86 24.81
C GLY A 125 -19.21 -30.96 23.74
N ALA A 126 -18.22 -30.08 23.75
CA ALA A 126 -17.17 -30.14 22.73
C ALA A 126 -16.18 -31.26 23.06
N SER A 127 -15.66 -31.89 22.01
CA SER A 127 -14.59 -32.87 22.15
C SER A 127 -13.26 -32.19 21.85
N ILE A 128 -12.32 -32.30 22.78
CA ILE A 128 -11.02 -31.63 22.68
C ILE A 128 -9.95 -32.69 22.59
N HIS A 129 -9.11 -32.60 21.56
CA HIS A 129 -8.08 -33.59 21.28
C HIS A 129 -6.73 -32.89 21.31
N PHE A 130 -5.90 -33.24 22.30
CA PHE A 130 -4.60 -32.61 22.51
C PHE A 130 -3.50 -33.41 21.83
N ASN A 131 -2.30 -32.83 21.83
CA ASN A 131 -1.10 -33.49 21.30
C ASN A 131 -1.23 -33.80 19.82
N LEU A 132 -1.95 -32.95 19.08
CA LEU A 132 -2.14 -33.12 17.65
C LEU A 132 -1.99 -31.77 16.97
N GLY A 133 -0.99 -31.65 16.10
CA GLY A 133 -0.73 -30.40 15.39
C GLY A 133 -1.20 -30.47 13.95
N LEU A 134 -1.94 -29.44 13.54
CA LEU A 134 -2.35 -29.36 12.14
C LEU A 134 -1.12 -29.22 11.26
N ASP A 135 -1.05 -30.09 10.25
CA ASP A 135 0.07 -30.16 9.32
C ASP A 135 -0.27 -29.62 7.93
N SER A 136 -1.43 -29.96 7.39
CA SER A 136 -1.82 -29.53 6.06
C SER A 136 -3.34 -29.65 5.94
N VAL A 137 -3.88 -29.04 4.88
CA VAL A 137 -5.32 -29.09 4.60
C VAL A 137 -5.51 -29.30 3.11
N ASP A 138 -6.45 -30.19 2.75
CA ASP A 138 -6.86 -30.43 1.37
C ASP A 138 -8.29 -29.92 1.23
N PHE A 139 -8.45 -28.74 0.60
CA PHE A 139 -9.76 -28.10 0.52
C PHE A 139 -10.67 -28.74 -0.52
N ALA A 140 -10.10 -29.35 -1.56
CA ALA A 140 -10.94 -29.99 -2.58
C ALA A 140 -11.67 -31.19 -1.99
N ARG A 141 -10.91 -32.12 -1.42
CA ARG A 141 -11.47 -33.32 -0.83
C ARG A 141 -12.01 -33.11 0.58
N GLN A 142 -11.85 -31.91 1.15
CA GLN A 142 -12.40 -31.58 2.46
C GLN A 142 -11.76 -32.41 3.57
N ARG A 143 -10.42 -32.46 3.57
CA ARG A 143 -9.72 -33.26 4.55
C ARG A 143 -8.44 -32.57 4.98
N LEU A 144 -8.06 -32.80 6.23
CA LEU A 144 -6.87 -32.21 6.81
C LEU A 144 -6.02 -33.30 7.45
N THR A 145 -4.75 -32.97 7.67
CA THR A 145 -3.78 -33.89 8.23
C THR A 145 -3.24 -33.32 9.53
N LEU A 146 -3.25 -34.13 10.58
CA LEU A 146 -2.68 -33.78 11.87
C LEU A 146 -1.50 -34.69 12.16
N SER A 147 -0.51 -34.15 12.86
CA SER A 147 0.70 -34.88 13.20
C SER A 147 0.74 -35.11 14.71
N ASN A 148 1.00 -36.35 15.12
CA ASN A 148 1.01 -36.66 16.54
C ASN A 148 2.45 -36.51 17.06
N VAL A 149 2.69 -36.85 18.33
CA VAL A 149 3.95 -36.52 18.98
C VAL A 149 5.12 -37.23 18.30
N SER A 150 4.92 -38.45 17.83
CA SER A 150 6.00 -39.21 17.21
C SER A 150 6.11 -38.99 15.71
N GLY A 151 5.22 -38.19 15.12
CA GLY A 151 5.23 -37.94 13.70
C GLY A 151 4.16 -38.66 12.90
N GLU A 152 3.40 -39.56 13.53
CA GLU A 152 2.30 -40.22 12.83
C GLU A 152 1.34 -39.17 12.28
N ARG A 153 0.93 -39.37 11.03
CA ARG A 153 0.02 -38.45 10.37
C ARG A 153 -1.38 -39.05 10.35
N LEU A 154 -2.35 -38.29 10.85
CA LEU A 154 -3.74 -38.73 10.92
C LEU A 154 -4.57 -37.86 9.99
N GLU A 155 -5.36 -38.49 9.14
CA GLU A 155 -6.21 -37.79 8.19
C GLU A 155 -7.65 -37.80 8.68
N LYS A 156 -8.30 -36.64 8.60
CA LYS A 156 -9.63 -36.45 9.15
C LYS A 156 -10.47 -35.70 8.12
N ARG A 157 -11.77 -35.96 8.14
CA ARG A 157 -12.72 -35.18 7.36
C ARG A 157 -13.15 -33.95 8.16
N PHE A 158 -13.42 -32.86 7.45
CA PHE A 158 -14.08 -31.72 8.06
C PHE A 158 -15.15 -31.19 7.11
N HIS A 159 -16.16 -30.55 7.68
CA HIS A 159 -17.14 -29.80 6.93
C HIS A 159 -16.86 -28.31 7.01
N LEU A 160 -16.49 -27.83 8.20
CA LEU A 160 -16.11 -26.45 8.43
C LEU A 160 -14.87 -26.43 9.30
N LEU A 161 -13.87 -25.65 8.90
CA LEU A 161 -12.60 -25.55 9.59
C LEU A 161 -12.46 -24.13 10.14
N ILE A 162 -12.29 -24.02 11.45
CA ILE A 162 -12.05 -22.73 12.09
C ILE A 162 -10.59 -22.68 12.50
N GLY A 163 -9.86 -21.71 11.96
CA GLY A 163 -8.47 -21.51 12.29
C GLY A 163 -8.28 -20.55 13.44
N ALA A 164 -8.11 -21.12 14.64
CA ALA A 164 -7.90 -20.35 15.86
C ALA A 164 -6.54 -20.65 16.46
N ASP A 165 -5.53 -20.79 15.58
CA ASP A 165 -4.24 -21.36 15.96
C ASP A 165 -3.12 -20.33 16.02
N GLY A 166 -3.45 -19.07 16.33
CA GLY A 166 -2.46 -18.10 16.72
C GLY A 166 -1.78 -17.36 15.59
N CYS A 167 -0.83 -16.49 15.97
N CYS A 167 -0.84 -16.50 16.01
CA CYS A 167 -0.24 -15.57 15.02
CA CYS A 167 -0.14 -15.60 15.09
C CYS A 167 0.58 -16.24 13.93
C CYS A 167 0.42 -16.31 13.89
N ASN A 168 0.91 -17.54 14.08
CA ASN A 168 1.59 -18.29 13.04
C ASN A 168 0.70 -19.42 12.51
N SER A 169 -0.60 -19.13 12.43
CA SER A 169 -1.63 -20.10 12.10
C SER A 169 -1.24 -21.03 10.95
N ALA A 170 -1.32 -22.33 11.20
CA ALA A 170 -1.15 -23.29 10.12
C ALA A 170 -2.35 -23.30 9.18
N VAL A 171 -3.54 -23.02 9.71
CA VAL A 171 -4.73 -22.93 8.86
C VAL A 171 -4.54 -21.80 7.85
N ARG A 172 -4.07 -20.64 8.32
CA ARG A 172 -3.83 -19.53 7.43
C ARG A 172 -2.85 -19.91 6.32
N GLN A 173 -1.78 -20.62 6.67
CA GLN A 173 -0.82 -21.06 5.65
C GLN A 173 -1.50 -21.94 4.61
N ALA A 174 -2.38 -22.83 5.04
CA ALA A 174 -3.10 -23.69 4.10
C ALA A 174 -3.99 -22.88 3.19
N MET A 175 -4.70 -21.89 3.75
CA MET A 175 -5.58 -21.03 2.96
C MET A 175 -4.80 -20.31 1.87
N ALA A 176 -3.58 -19.85 2.16
CA ALA A 176 -2.82 -19.08 1.20
C ALA A 176 -2.54 -19.87 -0.06
N SER A 177 -2.52 -21.21 0.03
N SER A 177 -2.51 -21.21 0.04
CA SER A 177 -2.24 -22.05 -1.12
CA SER A 177 -2.25 -22.06 -1.11
C SER A 177 -3.43 -22.17 -2.07
C SER A 177 -3.43 -22.16 -2.07
N VAL A 178 -4.62 -21.74 -1.65
CA VAL A 178 -5.80 -21.83 -2.50
C VAL A 178 -6.42 -20.48 -2.81
N VAL A 179 -6.11 -19.44 -2.04
CA VAL A 179 -6.65 -18.10 -2.29
C VAL A 179 -5.59 -17.08 -1.92
N ASP A 180 -5.63 -15.94 -2.61
CA ASP A 180 -4.75 -14.83 -2.28
C ASP A 180 -5.32 -14.12 -1.06
N LEU A 181 -4.61 -14.19 0.06
CA LEU A 181 -5.08 -13.57 1.30
C LEU A 181 -4.88 -12.06 1.33
N GLY A 182 -4.21 -11.47 0.34
CA GLY A 182 -3.94 -10.04 0.34
C GLY A 182 -3.10 -9.62 1.53
N GLU A 183 -2.12 -10.43 1.88
CA GLU A 183 -1.41 -10.33 3.15
C GLU A 183 -0.35 -9.22 3.11
N HIS A 184 -0.33 -8.40 4.17
CA HIS A 184 0.69 -7.36 4.35
C HIS A 184 1.25 -7.42 5.77
N LEU A 185 2.57 -7.61 5.85
CA LEU A 185 3.25 -7.71 7.14
C LEU A 185 4.02 -6.42 7.42
N GLU A 186 3.80 -5.85 8.61
CA GLU A 186 4.48 -4.63 9.03
C GLU A 186 5.21 -4.93 10.33
N THR A 187 6.51 -5.14 10.25
CA THR A 187 7.32 -5.42 11.43
C THR A 187 7.72 -4.13 12.13
N GLN A 188 7.83 -4.19 13.46
CA GLN A 188 8.23 -3.01 14.23
C GLN A 188 9.62 -3.21 14.81
N PRO A 189 10.37 -2.13 15.04
CA PRO A 189 11.77 -2.27 15.47
C PRO A 189 11.96 -2.72 16.92
N HIS A 190 10.89 -2.89 17.68
CA HIS A 190 11.00 -3.30 19.09
C HIS A 190 10.80 -4.81 19.21
N GLY A 191 11.61 -5.42 20.07
CA GLY A 191 11.34 -6.76 20.56
C GLY A 191 10.76 -6.71 21.97
N TYR A 192 10.50 -7.89 22.52
CA TYR A 192 10.05 -7.98 23.90
C TYR A 192 10.67 -9.20 24.57
N LYS A 193 10.79 -9.12 25.89
CA LYS A 193 11.29 -10.21 26.71
C LYS A 193 10.42 -10.31 27.95
N GLU A 194 9.94 -11.52 28.25
CA GLU A 194 9.09 -11.75 29.40
C GLU A 194 9.95 -12.16 30.59
N LEU A 195 9.72 -11.52 31.73
CA LEU A 195 10.49 -11.74 32.95
C LEU A 195 9.51 -12.01 34.08
N GLN A 196 10.03 -12.44 35.23
CA GLN A 196 9.22 -12.92 36.33
C GLN A 196 9.62 -12.23 37.62
N ILE A 197 8.63 -11.88 38.44
CA ILE A 197 8.84 -11.48 39.83
C ILE A 197 8.15 -12.50 40.73
N THR A 198 8.89 -13.06 41.68
CA THR A 198 8.31 -14.03 42.61
C THR A 198 7.42 -13.33 43.64
N PRO A 199 6.49 -14.06 44.26
CA PRO A 199 5.72 -13.46 45.36
C PRO A 199 6.60 -12.87 46.44
N GLU A 200 7.76 -13.47 46.72
CA GLU A 200 8.64 -12.98 47.77
C GLU A 200 9.28 -11.65 47.37
N ALA A 201 9.81 -11.57 46.15
CA ALA A 201 10.39 -10.31 45.68
C ALA A 201 9.35 -9.19 45.65
N SER A 202 8.17 -9.47 45.10
CA SER A 202 7.16 -8.42 44.98
C SER A 202 6.77 -7.88 46.35
N ALA A 203 6.58 -8.76 47.34
CA ALA A 203 6.21 -8.31 48.68
C ALA A 203 7.36 -7.57 49.37
N GLN A 204 8.60 -8.02 49.16
CA GLN A 204 9.73 -7.37 49.82
C GLN A 204 9.85 -5.91 49.40
N PHE A 205 9.61 -5.63 48.12
CA PHE A 205 9.69 -4.26 47.61
C PHE A 205 8.33 -3.59 47.49
N ASN A 206 7.30 -4.18 48.11
CA ASN A 206 6.01 -3.53 48.27
C ASN A 206 5.37 -3.14 46.94
N LEU A 207 5.46 -4.02 45.96
CA LEU A 207 4.79 -3.82 44.68
C LEU A 207 3.28 -4.05 44.84
N GLU A 208 2.49 -3.02 44.55
CA GLU A 208 1.05 -3.06 44.79
C GLU A 208 0.38 -4.11 43.90
N PRO A 209 -0.32 -5.09 44.48
CA PRO A 209 -0.97 -6.11 43.63
C PRO A 209 -2.15 -5.58 42.83
N ASN A 210 -2.91 -4.63 43.37
CA ASN A 210 -4.17 -4.23 42.72
C ASN A 210 -3.96 -3.05 41.79
N ALA A 211 -3.00 -3.17 40.90
CA ALA A 211 -2.66 -2.08 39.99
C ALA A 211 -1.89 -2.64 38.82
N LEU A 212 -1.93 -1.90 37.72
CA LEU A 212 -1.05 -2.13 36.58
C LEU A 212 0.20 -1.27 36.77
N HIS A 213 1.36 -1.85 36.55
CA HIS A 213 2.63 -1.19 36.81
C HIS A 213 3.36 -0.94 35.50
N ILE A 214 3.87 0.28 35.33
CA ILE A 214 4.58 0.68 34.12
C ILE A 214 5.86 1.40 34.52
N TRP A 215 6.95 1.09 33.81
CA TRP A 215 8.22 1.79 33.96
C TRP A 215 8.54 2.43 32.61
N PRO A 216 8.08 3.66 32.36
CA PRO A 216 8.39 4.30 31.07
C PRO A 216 9.83 4.77 31.05
N HIS A 217 10.41 4.74 29.85
CA HIS A 217 11.79 5.18 29.67
C HIS A 217 12.01 5.61 28.22
N GLY A 218 11.04 6.32 27.65
CA GLY A 218 11.15 6.82 26.30
C GLY A 218 11.04 5.75 25.24
N ASP A 219 12.16 5.43 24.58
CA ASP A 219 12.19 4.44 23.51
C ASP A 219 12.08 3.01 23.99
N TYR A 220 12.08 2.76 25.30
CA TYR A 220 11.91 1.42 25.84
C TYR A 220 11.18 1.52 27.17
N MET A 221 10.66 0.39 27.64
CA MET A 221 9.82 0.40 28.84
C MET A 221 9.59 -1.01 29.34
N CYS A 222 9.09 -1.10 30.58
CA CYS A 222 8.60 -2.33 31.15
C CYS A 222 7.19 -2.15 31.68
N ILE A 223 6.41 -3.21 31.62
CA ILE A 223 5.05 -3.24 32.15
C ILE A 223 4.86 -4.57 32.87
N ALA A 224 4.17 -4.53 34.02
CA ALA A 224 3.99 -5.72 34.85
C ALA A 224 2.53 -5.87 35.28
N LEU A 225 2.04 -7.12 35.22
CA LEU A 225 0.69 -7.45 35.66
C LEU A 225 0.72 -8.50 36.78
N PRO A 226 -0.16 -8.38 37.77
CA PRO A 226 -0.12 -9.27 38.93
C PRO A 226 -0.79 -10.62 38.71
N ASN A 227 -0.38 -11.59 39.54
CA ASN A 227 -1.02 -12.90 39.62
C ASN A 227 -1.64 -13.09 41.00
N LEU A 228 -2.51 -14.09 41.11
CA LEU A 228 -3.19 -14.37 42.37
C LEU A 228 -2.22 -14.60 43.52
N ASP A 229 -1.11 -15.30 43.24
CA ASP A 229 -0.14 -15.63 44.28
C ASP A 229 0.86 -14.52 44.55
N ARG A 230 0.61 -13.32 44.04
CA ARG A 230 1.43 -12.14 44.24
C ARG A 230 2.70 -12.16 43.40
N SER A 231 2.89 -13.15 42.53
CA SER A 231 3.92 -13.02 41.52
C SER A 231 3.45 -12.04 40.44
N PHE A 232 4.41 -11.50 39.71
CA PHE A 232 4.13 -10.61 38.58
C PHE A 232 4.88 -11.12 37.37
N THR A 233 4.30 -10.90 36.20
CA THR A 233 5.01 -11.06 34.93
C THR A 233 5.37 -9.68 34.37
N VAL A 234 6.64 -9.51 34.00
CA VAL A 234 7.18 -8.26 33.50
C VAL A 234 7.53 -8.44 32.03
N THR A 235 7.15 -7.46 31.20
CA THR A 235 7.55 -7.43 29.80
C THR A 235 8.41 -6.21 29.54
N LEU A 236 9.64 -6.44 29.07
CA LEU A 236 10.51 -5.39 28.57
C LEU A 236 10.28 -5.20 27.07
N PHE A 237 10.07 -3.96 26.65
CA PHE A 237 10.03 -3.61 25.24
C PHE A 237 11.25 -2.77 24.89
N LEU A 238 11.97 -3.17 23.85
CA LEU A 238 13.29 -2.61 23.58
C LEU A 238 13.67 -2.87 22.13
N HIS A 239 14.32 -1.89 21.50
CA HIS A 239 14.79 -2.06 20.14
C HIS A 239 15.61 -3.33 20.00
N HIS A 240 15.40 -4.05 18.89
CA HIS A 240 16.28 -5.16 18.57
C HIS A 240 17.72 -4.66 18.37
N GLN A 241 17.86 -3.59 17.60
CA GLN A 241 19.14 -3.05 17.20
C GLN A 241 19.13 -1.56 17.48
N SER A 242 20.31 -1.01 17.67
CA SER A 242 20.43 0.44 17.79
C SER A 242 20.39 1.07 16.41
N PRO A 243 19.57 2.10 16.18
CA PRO A 243 19.51 2.73 14.85
C PRO A 243 20.86 3.28 14.40
N ALA A 244 20.94 3.56 13.09
CA ALA A 244 22.19 4.03 12.49
C ALA A 244 22.68 5.31 13.18
N ALA A 245 21.79 6.29 13.34
CA ALA A 245 22.03 7.34 14.31
C ALA A 245 21.77 6.80 15.70
N GLN A 246 22.45 7.38 16.69
CA GLN A 246 22.46 6.86 18.04
C GLN A 246 22.78 5.36 18.06
N PRO A 247 23.96 4.96 17.57
CA PRO A 247 24.33 3.54 17.61
C PRO A 247 24.65 3.05 19.01
N ALA A 248 24.76 3.96 19.98
CA ALA A 248 25.00 3.59 21.37
C ALA A 248 23.72 3.55 22.20
N SER A 249 22.57 3.92 21.61
CA SER A 249 21.33 3.84 22.37
C SER A 249 21.01 2.39 22.70
N PRO A 250 20.28 2.13 23.79
CA PRO A 250 20.07 0.76 24.23
C PRO A 250 19.29 -0.09 23.22
N SER A 251 19.69 -1.36 23.13
CA SER A 251 19.01 -2.33 22.27
C SER A 251 19.37 -3.73 22.78
N PHE A 252 18.56 -4.72 22.37
CA PHE A 252 18.83 -6.10 22.76
C PHE A 252 20.19 -6.57 22.27
N ALA A 253 20.66 -6.04 21.14
CA ALA A 253 21.94 -6.48 20.59
C ALA A 253 23.10 -6.14 21.53
N GLN A 254 22.95 -5.08 22.33
CA GLN A 254 23.98 -4.77 23.33
C GLN A 254 23.90 -5.68 24.54
N LEU A 255 22.75 -6.30 24.79
CA LEU A 255 22.55 -7.12 25.99
C LEU A 255 22.92 -8.57 25.65
N VAL A 256 24.22 -8.77 25.46
CA VAL A 256 24.73 -10.02 24.91
C VAL A 256 24.55 -11.21 25.84
N ASP A 257 24.39 -10.97 27.15
CA ASP A 257 24.15 -12.07 28.07
C ASP A 257 23.44 -11.52 29.30
N GLY A 258 23.21 -12.40 30.27
CA GLY A 258 22.46 -12.02 31.46
C GLY A 258 23.15 -10.97 32.30
N HIS A 259 24.50 -11.02 32.37
CA HIS A 259 25.23 -10.04 33.14
C HIS A 259 25.07 -8.64 32.56
N ALA A 260 25.08 -8.54 31.23
CA ALA A 260 24.82 -7.24 30.59
C ALA A 260 23.38 -6.79 30.86
N ALA A 261 22.43 -7.72 30.75
CA ALA A 261 21.04 -7.40 31.07
C ALA A 261 20.92 -6.83 32.48
N ARG A 262 21.58 -7.46 33.45
CA ARG A 262 21.49 -6.99 34.83
C ARG A 262 22.00 -5.55 34.96
N ARG A 263 23.16 -5.25 34.35
CA ARG A 263 23.67 -3.88 34.42
C ARG A 263 22.74 -2.90 33.73
N PHE A 264 22.07 -3.34 32.66
CA PHE A 264 21.10 -2.48 31.99
C PHE A 264 19.93 -2.14 32.91
N PHE A 265 19.40 -3.15 33.60
CA PHE A 265 18.28 -2.89 34.51
C PHE A 265 18.73 -2.07 35.72
N GLN A 266 19.91 -2.37 36.27
CA GLN A 266 20.38 -1.62 37.43
C GLN A 266 20.56 -0.14 37.10
N ARG A 267 20.91 0.18 35.86
CA ARG A 267 21.08 1.57 35.45
C ARG A 267 19.75 2.21 35.09
N GLN A 268 18.96 1.56 34.24
CA GLN A 268 17.79 2.19 33.66
C GLN A 268 16.52 1.97 34.45
N PHE A 269 16.43 0.87 35.19
CA PHE A 269 15.24 0.53 35.98
C PHE A 269 15.64 0.13 37.40
N PRO A 270 16.26 1.04 38.16
CA PRO A 270 16.85 0.63 39.44
C PRO A 270 15.85 0.15 40.49
N ASP A 271 14.61 0.67 40.52
CA ASP A 271 13.68 0.15 41.52
C ASP A 271 13.05 -1.17 41.07
N LEU A 272 13.28 -1.60 39.83
CA LEU A 272 12.74 -2.85 39.33
C LEU A 272 13.75 -3.99 39.35
N SER A 273 15.03 -3.69 39.11
CA SER A 273 16.06 -4.72 39.05
C SER A 273 16.09 -5.62 40.28
N PRO A 274 16.04 -5.11 41.52
CA PRO A 274 16.12 -6.02 42.67
C PRO A 274 15.01 -7.04 42.75
N MET A 275 13.84 -6.78 42.15
CA MET A 275 12.76 -7.75 42.15
C MET A 275 12.92 -8.82 41.09
N LEU A 276 13.84 -8.65 40.15
CA LEU A 276 14.02 -9.62 39.06
C LEU A 276 15.10 -10.59 39.49
N ASP A 277 14.70 -11.54 40.35
CA ASP A 277 15.66 -12.46 40.96
C ASP A 277 16.33 -13.34 39.91
N SER A 278 15.55 -13.83 38.96
CA SER A 278 16.04 -14.73 37.92
C SER A 278 16.33 -14.00 36.61
N LEU A 279 16.71 -12.72 36.68
CA LEU A 279 16.85 -11.92 35.46
C LEU A 279 17.84 -12.56 34.50
N GLU A 280 19.02 -12.91 35.00
CA GLU A 280 20.08 -13.43 34.12
C GLU A 280 19.59 -14.68 33.38
N GLN A 281 19.01 -15.62 34.12
CA GLN A 281 18.56 -16.86 33.50
C GLN A 281 17.38 -16.61 32.58
N ASP A 282 16.38 -15.85 33.04
CA ASP A 282 15.24 -15.53 32.18
C ASP A 282 15.71 -14.88 30.88
N PHE A 283 16.72 -14.02 30.95
CA PHE A 283 17.14 -13.28 29.77
C PHE A 283 17.81 -14.20 28.75
N GLU A 284 18.64 -15.13 29.23
CA GLU A 284 19.35 -16.04 28.34
C GLU A 284 18.46 -17.19 27.86
N HIS A 285 17.61 -17.73 28.73
CA HIS A 285 16.84 -18.91 28.38
C HIS A 285 15.65 -18.58 27.48
N HIS A 286 14.93 -17.52 27.81
CA HIS A 286 13.74 -17.15 27.04
C HIS A 286 14.16 -16.40 25.77
N PRO A 287 13.46 -16.63 24.66
CA PRO A 287 13.79 -15.91 23.42
C PRO A 287 13.21 -14.49 23.40
N THR A 288 13.82 -13.66 22.57
CA THR A 288 13.32 -12.31 22.36
C THR A 288 12.18 -12.37 21.35
N GLY A 289 10.99 -11.95 21.76
CA GLY A 289 9.87 -11.98 20.86
C GLY A 289 9.90 -10.84 19.87
N LYS A 290 9.15 -11.02 18.78
CA LYS A 290 9.02 -10.02 17.74
C LYS A 290 7.65 -9.36 17.76
N LEU A 291 7.63 -8.12 17.31
CA LEU A 291 6.42 -7.32 17.24
C LEU A 291 6.09 -7.09 15.77
N ALA A 292 4.87 -7.44 15.38
CA ALA A 292 4.47 -7.24 14.00
C ALA A 292 2.96 -7.13 13.92
N THR A 293 2.50 -6.47 12.87
CA THR A 293 1.10 -6.40 12.51
C THR A 293 0.93 -7.08 11.16
N LEU A 294 -0.03 -7.99 11.08
CA LEU A 294 -0.31 -8.72 9.85
C LEU A 294 -1.77 -8.50 9.48
N ARG A 295 -1.99 -7.95 8.29
CA ARG A 295 -3.34 -7.65 7.80
C ARG A 295 -3.61 -8.49 6.57
N LEU A 296 -4.80 -9.09 6.53
CA LEU A 296 -5.29 -9.87 5.40
C LEU A 296 -6.57 -9.25 4.88
N THR A 297 -6.74 -9.31 3.55
CA THR A 297 -7.97 -8.82 2.95
C THR A 297 -9.11 -9.82 3.10
N THR A 298 -8.81 -11.11 3.15
CA THR A 298 -9.85 -12.12 3.30
C THR A 298 -9.50 -13.07 4.44
N TRP A 299 -10.52 -13.44 5.21
CA TRP A 299 -10.36 -14.31 6.36
C TRP A 299 -10.97 -15.69 6.16
N HIS A 300 -11.49 -15.99 4.98
CA HIS A 300 -12.21 -17.24 4.79
C HIS A 300 -12.04 -17.73 3.36
N VAL A 301 -12.25 -19.04 3.20
CA VAL A 301 -12.28 -19.70 1.91
C VAL A 301 -13.69 -20.27 1.76
N GLY A 302 -14.51 -19.62 0.92
CA GLY A 302 -15.90 -20.01 0.78
C GLY A 302 -16.55 -20.31 2.11
N GLY A 303 -17.27 -21.42 2.19
CA GLY A 303 -17.83 -21.92 3.43
C GLY A 303 -16.97 -22.97 4.11
N GLN A 304 -15.72 -23.16 3.67
CA GLN A 304 -14.90 -24.26 4.14
C GLN A 304 -14.00 -23.89 5.32
N ALA A 305 -13.52 -22.66 5.39
CA ALA A 305 -12.54 -22.32 6.43
C ALA A 305 -12.60 -20.84 6.74
N VAL A 306 -12.31 -20.51 8.00
CA VAL A 306 -12.26 -19.12 8.46
C VAL A 306 -11.17 -19.01 9.53
N LEU A 307 -10.60 -17.81 9.64
CA LEU A 307 -9.61 -17.47 10.64
C LEU A 307 -10.22 -16.54 11.68
N LEU A 308 -9.77 -16.64 12.92
CA LEU A 308 -10.13 -15.63 13.91
C LEU A 308 -9.04 -15.49 14.96
N GLY A 309 -9.16 -14.43 15.75
CA GLY A 309 -8.16 -14.13 16.76
C GLY A 309 -6.83 -13.80 16.13
N ASP A 310 -5.75 -14.22 16.80
CA ASP A 310 -4.41 -13.93 16.29
C ASP A 310 -4.18 -14.54 14.91
N ALA A 311 -4.90 -15.63 14.59
CA ALA A 311 -4.74 -16.24 13.28
C ALA A 311 -5.13 -15.28 12.17
N ALA A 312 -6.16 -14.46 12.41
CA ALA A 312 -6.66 -13.55 11.40
C ALA A 312 -5.96 -12.19 11.41
N HIS A 313 -5.51 -11.69 12.57
CA HIS A 313 -5.06 -10.29 12.69
C HIS A 313 -4.04 -10.15 13.80
N PRO A 314 -2.83 -10.68 13.60
CA PRO A 314 -1.75 -10.40 14.56
C PRO A 314 -1.53 -8.90 14.73
N MET A 315 -1.36 -8.47 15.98
CA MET A 315 -1.20 -7.05 16.30
C MET A 315 -0.10 -6.88 17.35
N VAL A 316 0.36 -5.64 17.52
CA VAL A 316 1.35 -5.36 18.55
C VAL A 316 0.67 -5.39 19.91
N PRO A 317 1.36 -5.82 20.97
CA PRO A 317 0.72 -5.99 22.28
C PRO A 317 0.60 -4.73 23.14
N PHE A 318 0.47 -3.55 22.53
CA PHE A 318 0.62 -2.31 23.27
C PHE A 318 -0.67 -1.67 23.74
N HIS A 319 -1.84 -2.21 23.41
CA HIS A 319 -3.08 -1.74 24.02
C HIS A 319 -3.72 -2.76 24.96
N GLY A 320 -3.10 -3.91 25.17
CA GLY A 320 -3.67 -4.96 25.99
C GLY A 320 -5.03 -5.39 25.49
N GLN A 321 -5.15 -5.62 24.17
CA GLN A 321 -6.45 -5.88 23.57
C GLN A 321 -6.49 -7.09 22.65
N GLY A 322 -5.35 -7.76 22.42
CA GLY A 322 -5.36 -8.92 21.52
C GLY A 322 -6.29 -10.03 21.98
N MET A 323 -6.18 -10.40 23.27
CA MET A 323 -7.11 -11.40 23.81
C MET A 323 -8.53 -10.88 23.81
N ASN A 324 -8.72 -9.64 24.26
CA ASN A 324 -10.07 -9.06 24.28
C ASN A 324 -10.68 -9.08 22.89
N CYS A 325 -9.89 -8.75 21.87
CA CYS A 325 -10.38 -8.78 20.50
C CYS A 325 -10.66 -10.22 20.07
N ALA A 326 -9.82 -11.16 20.49
CA ALA A 326 -10.01 -12.55 20.13
C ALA A 326 -11.30 -13.10 20.72
N LEU A 327 -11.61 -12.73 21.96
CA LEU A 327 -12.85 -13.19 22.58
C LEU A 327 -14.06 -12.58 21.88
N GLU A 328 -14.01 -11.28 21.57
CA GLU A 328 -15.04 -10.65 20.75
C GLU A 328 -15.23 -11.40 19.44
N ASP A 329 -14.13 -11.74 18.77
CA ASP A 329 -14.21 -12.47 17.50
C ASP A 329 -15.00 -13.75 17.66
N ALA A 330 -14.72 -14.51 18.72
CA ALA A 330 -15.36 -15.80 18.91
C ALA A 330 -16.88 -15.63 19.03
N VAL A 331 -17.33 -14.63 19.77
CA VAL A 331 -18.76 -14.37 19.90
C VAL A 331 -19.36 -14.06 18.54
N ALA A 332 -18.74 -13.13 17.81
CA ALA A 332 -19.28 -12.73 16.51
C ALA A 332 -19.37 -13.92 15.56
N LEU A 333 -18.33 -14.75 15.53
CA LEU A 333 -18.34 -15.90 14.62
C LEU A 333 -19.45 -16.88 14.97
N ALA A 334 -19.62 -17.17 16.27
CA ALA A 334 -20.71 -18.04 16.69
C ALA A 334 -22.06 -17.46 16.30
N GLU A 335 -22.23 -16.15 16.48
CA GLU A 335 -23.49 -15.52 16.12
C GLU A 335 -23.80 -15.68 14.64
N HIS A 336 -22.81 -15.39 13.78
CA HIS A 336 -23.04 -15.45 12.34
C HIS A 336 -23.25 -16.87 11.84
N LEU A 337 -22.53 -17.84 12.43
CA LEU A 337 -22.72 -19.23 12.03
C LEU A 337 -24.07 -19.79 12.43
N GLN A 338 -24.71 -19.23 13.45
CA GLN A 338 -25.97 -19.78 13.94
C GLN A 338 -27.15 -19.38 13.08
N SER A 339 -27.08 -18.23 12.41
CA SER A 339 -28.21 -17.65 11.69
C SER A 339 -27.98 -17.47 10.20
N ALA A 340 -26.99 -18.14 9.62
CA ALA A 340 -26.60 -17.92 8.23
C ALA A 340 -27.24 -18.92 7.27
N ALA A 341 -27.28 -18.52 5.98
CA ALA A 341 -27.92 -19.35 4.95
C ALA A 341 -27.05 -20.55 4.58
N ASP A 342 -25.74 -20.36 4.57
CA ASP A 342 -24.81 -21.48 4.46
C ASP A 342 -23.53 -21.00 5.12
N ASN A 343 -22.60 -21.92 5.34
CA ASN A 343 -21.39 -21.52 6.03
C ASN A 343 -20.69 -20.40 5.26
N ALA A 344 -20.77 -20.43 3.93
CA ALA A 344 -20.13 -19.38 3.13
C ALA A 344 -20.69 -18.00 3.47
N SER A 345 -22.01 -17.88 3.61
CA SER A 345 -22.60 -16.60 3.98
C SER A 345 -22.13 -16.17 5.36
N ALA A 346 -22.12 -17.11 6.31
CA ALA A 346 -21.73 -16.78 7.68
C ALA A 346 -20.31 -16.24 7.72
N LEU A 347 -19.40 -16.84 6.96
CA LEU A 347 -18.00 -16.45 7.03
C LEU A 347 -17.78 -15.10 6.38
N ALA A 348 -18.46 -14.81 5.26
CA ALA A 348 -18.35 -13.50 4.64
C ALA A 348 -18.96 -12.42 5.53
N ALA A 349 -20.12 -12.69 6.12
CA ALA A 349 -20.73 -11.71 7.02
C ALA A 349 -19.88 -11.48 8.26
N PHE A 350 -19.34 -12.55 8.84
CA PHE A 350 -18.43 -12.41 9.97
C PHE A 350 -17.23 -11.57 9.60
N THR A 351 -16.60 -11.87 8.46
CA THR A 351 -15.43 -11.10 8.05
C THR A 351 -15.78 -9.63 7.87
N ALA A 352 -16.92 -9.34 7.23
CA ALA A 352 -17.29 -7.95 6.97
C ALA A 352 -17.55 -7.20 8.27
N GLN A 353 -18.05 -7.88 9.30
CA GLN A 353 -18.28 -7.20 10.58
C GLN A 353 -16.97 -6.96 11.33
N ARG A 354 -16.14 -8.00 11.45
CA ARG A 354 -15.00 -7.94 12.38
C ARG A 354 -13.74 -7.36 11.76
N GLN A 355 -13.59 -7.43 10.44
CA GLN A 355 -12.35 -6.94 9.83
C GLN A 355 -12.15 -5.44 10.03
N PRO A 356 -13.14 -4.57 9.87
CA PRO A 356 -12.90 -3.15 10.17
C PRO A 356 -12.53 -2.91 11.62
N ASP A 357 -13.14 -3.66 12.55
CA ASP A 357 -12.79 -3.52 13.96
C ASP A 357 -11.36 -3.98 14.22
N ALA A 358 -10.95 -5.09 13.59
CA ALA A 358 -9.59 -5.58 13.77
C ALA A 358 -8.58 -4.55 13.28
N LEU A 359 -8.81 -3.99 12.08
CA LEU A 359 -7.91 -2.98 11.55
C LEU A 359 -7.82 -1.79 12.48
N ALA A 360 -8.94 -1.41 13.09
CA ALA A 360 -8.95 -0.26 14.00
C ALA A 360 -8.08 -0.51 15.21
N ILE A 361 -8.26 -1.65 15.88
CA ILE A 361 -7.45 -1.89 17.08
C ILE A 361 -6.00 -2.13 16.70
N GLN A 362 -5.73 -2.73 15.54
CA GLN A 362 -4.34 -2.86 15.10
C GLN A 362 -3.67 -1.50 14.99
N ALA A 363 -4.39 -0.51 14.45
CA ALA A 363 -3.82 0.83 14.31
C ALA A 363 -3.74 1.54 15.65
N MET A 364 -4.79 1.42 16.48
CA MET A 364 -4.77 2.07 17.78
C MET A 364 -3.71 1.44 18.69
N ALA A 365 -3.48 0.14 18.57
CA ALA A 365 -2.37 -0.47 19.29
C ALA A 365 -1.04 0.11 18.84
N LEU A 366 -0.87 0.32 17.54
CA LEU A 366 0.36 0.93 17.03
C LEU A 366 0.50 2.37 17.51
N GLU A 367 -0.61 3.10 17.62
CA GLU A 367 -0.55 4.47 18.12
C GLU A 367 -0.23 4.49 19.61
N ASN A 368 -0.78 3.54 20.37
CA ASN A 368 -0.34 3.33 21.74
C ASN A 368 1.14 2.98 21.76
N TYR A 369 1.57 2.16 20.79
CA TYR A 369 2.98 1.78 20.68
C TYR A 369 3.85 2.98 20.29
N VAL A 370 3.34 3.85 19.40
CA VAL A 370 4.07 5.04 19.00
C VAL A 370 4.24 6.00 20.17
N GLU A 371 3.34 5.94 21.17
CA GLU A 371 3.51 6.76 22.36
C GLU A 371 4.88 6.52 23.00
N MET A 372 5.37 5.27 22.96
CA MET A 372 6.64 4.92 23.56
C MET A 372 7.76 5.55 22.75
N SER A 373 8.06 6.81 23.04
CA SER A 373 9.05 7.56 22.31
C SER A 373 9.66 8.61 23.23
N SER A 374 10.93 8.90 23.02
CA SER A 374 11.62 9.95 23.75
C SER A 374 11.26 11.35 23.22
N LYS A 375 10.30 11.45 22.30
CA LYS A 375 9.96 12.72 21.68
C LYS A 375 9.01 13.51 22.58
N VAL A 376 9.35 14.78 22.82
CA VAL A 376 8.57 15.59 23.75
C VAL A 376 7.19 15.88 23.17
N ALA A 377 6.25 16.20 24.07
CA ALA A 377 4.91 16.58 23.68
C ALA A 377 4.89 18.03 23.21
N SER A 378 4.29 18.26 22.05
CA SER A 378 4.22 19.61 21.51
C SER A 378 3.44 20.52 22.46
N PRO A 379 3.79 21.80 22.52
CA PRO A 379 2.93 22.73 23.28
C PRO A 379 1.49 22.72 22.79
N THR A 380 1.29 22.80 21.48
CA THR A 380 -0.03 22.57 20.90
C THR A 380 -0.69 21.34 21.49
N TYR A 381 0.04 20.21 21.53
CA TYR A 381 -0.53 18.96 22.02
C TYR A 381 -1.00 19.09 23.47
N LEU A 382 -0.18 19.70 24.32
CA LEU A 382 -0.53 19.82 25.74
C LEU A 382 -1.78 20.68 25.92
N LEU A 383 -1.94 21.73 25.10
CA LEU A 383 -3.14 22.56 25.21
C LEU A 383 -4.38 21.81 24.73
N GLU A 384 -4.24 21.02 23.67
CA GLU A 384 -5.35 20.17 23.24
C GLU A 384 -5.75 19.20 24.34
N ARG A 385 -4.78 18.60 25.03
CA ARG A 385 -5.09 17.66 26.10
C ARG A 385 -5.86 18.35 27.23
N GLU A 386 -5.40 19.54 27.64
CA GLU A 386 -6.10 20.26 28.70
C GLU A 386 -7.53 20.57 28.29
N LEU A 387 -7.72 21.05 27.05
CA LEU A 387 -9.06 21.36 26.57
C LEU A 387 -9.94 20.11 26.55
N GLY A 388 -9.40 18.99 26.10
CA GLY A 388 -10.18 17.76 26.05
C GLY A 388 -10.60 17.26 27.42
N GLN A 389 -9.76 17.49 28.44
CA GLN A 389 -10.15 17.13 29.80
C GLN A 389 -11.32 17.98 30.29
N ILE A 390 -11.31 19.28 29.98
CA ILE A 390 -12.43 20.13 30.35
C ILE A 390 -13.69 19.69 29.64
N MET A 391 -13.60 19.39 28.34
CA MET A 391 -14.79 18.99 27.60
C MET A 391 -15.31 17.64 28.08
N ALA A 392 -14.40 16.74 28.50
CA ALA A 392 -14.83 15.47 29.08
C ALA A 392 -15.61 15.70 30.38
N GLN A 393 -15.19 16.66 31.19
CA GLN A 393 -15.93 16.96 32.41
C GLN A 393 -17.31 17.52 32.10
N ARG A 394 -17.38 18.49 31.17
CA ARG A 394 -18.64 19.19 30.91
C ARG A 394 -19.63 18.32 30.14
N GLN A 395 -19.15 17.41 29.30
CA GLN A 395 -20.00 16.59 28.44
C GLN A 395 -19.52 15.16 28.49
N PRO A 396 -19.66 14.51 29.65
CA PRO A 396 -19.06 13.18 29.83
C PRO A 396 -19.73 12.09 29.01
N THR A 397 -20.93 12.32 28.49
CA THR A 397 -21.59 11.34 27.65
C THR A 397 -21.27 11.52 26.17
N ARG A 398 -20.58 12.60 25.80
CA ARG A 398 -20.20 12.84 24.41
C ARG A 398 -18.71 12.83 24.18
N PHE A 399 -17.92 13.50 25.02
CA PHE A 399 -16.48 13.59 24.83
C PHE A 399 -15.83 12.59 25.79
N ILE A 400 -15.48 11.43 25.25
CA ILE A 400 -14.89 10.33 26.01
C ILE A 400 -13.50 10.05 25.44
N PRO A 401 -12.44 10.13 26.25
CA PRO A 401 -11.10 9.82 25.73
C PRO A 401 -11.09 8.45 25.04
N ARG A 402 -10.38 8.36 23.92
CA ARG A 402 -10.40 7.15 23.12
C ARG A 402 -9.93 5.94 23.92
N TYR A 403 -8.99 6.13 24.85
CA TYR A 403 -8.55 5.02 25.70
C TYR A 403 -9.71 4.39 26.46
N SER A 404 -10.58 5.23 27.03
CA SER A 404 -11.70 4.70 27.80
C SER A 404 -12.71 4.01 26.91
N MET A 405 -12.96 4.55 25.71
CA MET A 405 -13.83 3.88 24.77
C MET A 405 -13.32 2.48 24.44
N VAL A 406 -12.01 2.34 24.24
CA VAL A 406 -11.43 1.04 23.94
C VAL A 406 -11.48 0.12 25.16
N THR A 407 -11.07 0.65 26.32
CA THR A 407 -10.81 -0.20 27.48
C THR A 407 -12.03 -0.47 28.34
N PHE A 408 -12.97 0.47 28.43
CA PHE A 408 -14.06 0.38 29.40
C PHE A 408 -15.44 0.32 28.78
N SER A 409 -15.53 0.24 27.45
CA SER A 409 -16.83 0.12 26.79
C SER A 409 -16.75 -1.00 25.77
N ARG A 410 -17.91 -1.32 25.19
CA ARG A 410 -18.01 -2.33 24.14
C ARG A 410 -18.24 -1.71 22.78
N LEU A 411 -18.08 -0.40 22.66
CA LEU A 411 -18.21 0.25 21.37
C LEU A 411 -17.32 -0.46 20.37
N PRO A 412 -17.81 -0.83 19.19
CA PRO A 412 -16.94 -1.45 18.19
C PRO A 412 -15.68 -0.63 17.98
N TYR A 413 -14.54 -1.32 17.87
CA TYR A 413 -13.25 -0.66 17.75
C TYR A 413 -13.28 0.44 16.69
N ALA A 414 -13.83 0.14 15.51
CA ALA A 414 -13.81 1.12 14.42
C ALA A 414 -14.61 2.36 14.77
N GLN A 415 -15.69 2.23 15.55
CA GLN A 415 -16.43 3.41 15.97
C GLN A 415 -15.66 4.19 17.03
N ALA A 416 -14.95 3.50 17.91
CA ALA A 416 -14.05 4.18 18.84
C ALA A 416 -13.04 5.02 18.08
N MET A 417 -12.44 4.45 17.03
CA MET A 417 -11.46 5.20 16.25
C MET A 417 -12.11 6.36 15.51
N ALA A 418 -13.34 6.15 15.02
CA ALA A 418 -14.05 7.21 14.32
C ALA A 418 -14.37 8.38 15.26
N ARG A 419 -14.93 8.08 16.43
CA ARG A 419 -15.22 9.14 17.39
C ARG A 419 -13.95 9.84 17.83
N GLY A 420 -12.86 9.08 18.02
CA GLY A 420 -11.60 9.70 18.38
C GLY A 420 -11.11 10.66 17.32
N GLN A 421 -11.34 10.32 16.03
CA GLN A 421 -10.98 11.21 14.94
C GLN A 421 -11.78 12.52 15.02
N ILE A 422 -13.09 12.41 15.22
CA ILE A 422 -13.92 13.61 15.34
C ILE A 422 -13.43 14.47 16.51
N GLN A 423 -13.18 13.85 17.66
CA GLN A 423 -12.78 14.59 18.84
C GLN A 423 -11.45 15.30 18.60
N GLU A 424 -10.51 14.63 17.93
CA GLU A 424 -9.20 15.23 17.71
C GLU A 424 -9.28 16.38 16.72
N GLN A 425 -10.07 16.23 15.65
CA GLN A 425 -10.33 17.36 14.75
C GLN A 425 -10.90 18.53 15.53
N LEU A 426 -11.90 18.26 16.36
CA LEU A 426 -12.55 19.30 17.15
C LEU A 426 -11.53 20.03 18.00
N LEU A 427 -10.65 19.28 18.67
CA LEU A 427 -9.63 19.89 19.51
C LEU A 427 -8.64 20.68 18.66
N LYS A 428 -8.23 20.13 17.51
CA LYS A 428 -7.23 20.80 16.67
C LYS A 428 -7.71 22.18 16.21
N PHE A 429 -8.98 22.30 15.83
CA PHE A 429 -9.50 23.57 15.37
C PHE A 429 -9.81 24.52 16.51
N ALA A 430 -10.14 23.99 17.70
CA ALA A 430 -10.43 24.86 18.83
C ALA A 430 -9.17 25.54 19.35
N VAL A 431 -8.03 24.85 19.27
CA VAL A 431 -6.76 25.34 19.80
C VAL A 431 -5.88 26.00 18.74
N ALA A 432 -6.22 25.87 17.46
CA ALA A 432 -5.36 26.20 16.32
C ALA A 432 -4.41 27.38 16.48
N ASN A 433 -4.93 28.59 16.69
CA ASN A 433 -4.07 29.77 16.83
C ASN A 433 -4.31 30.46 18.16
N HIS A 434 -4.31 29.67 19.23
CA HIS A 434 -4.48 30.16 20.58
C HIS A 434 -3.27 29.85 21.43
N SER A 435 -2.74 30.87 22.10
CA SER A 435 -1.85 30.64 23.23
C SER A 435 -2.72 30.36 24.45
N ASP A 436 -2.25 29.47 25.32
CA ASP A 436 -2.93 29.13 26.56
C ASP A 436 -4.42 28.88 26.41
N LEU A 437 -5.10 28.65 27.53
CA LEU A 437 -6.53 28.33 27.56
C LEU A 437 -7.44 29.53 27.72
N THR A 438 -6.92 30.67 28.21
CA THR A 438 -7.80 31.77 28.55
C THR A 438 -8.34 32.50 27.32
N SER A 439 -7.74 32.30 26.14
CA SER A 439 -8.27 32.91 24.92
C SER A 439 -9.28 32.00 24.21
N ILE A 440 -9.53 30.81 24.75
CA ILE A 440 -10.48 29.87 24.15
C ILE A 440 -11.83 30.05 24.82
N ASN A 441 -12.87 30.27 24.01
CA ASN A 441 -14.24 30.37 24.52
C ASN A 441 -14.75 28.97 24.81
N LEU A 442 -14.78 28.58 26.08
CA LEU A 442 -15.13 27.20 26.43
C LEU A 442 -16.60 26.88 26.14
N ASP A 443 -17.50 27.85 26.32
CA ASP A 443 -18.90 27.59 26.00
C ASP A 443 -19.09 27.33 24.51
N ALA A 444 -18.42 28.10 23.66
CA ALA A 444 -18.52 27.87 22.22
C ALA A 444 -17.96 26.52 21.83
N VAL A 445 -16.84 26.10 22.44
CA VAL A 445 -16.30 24.77 22.16
C VAL A 445 -17.26 23.69 22.62
N GLU A 446 -17.87 23.86 23.79
CA GLU A 446 -18.81 22.86 24.28
C GLU A 446 -19.98 22.71 23.31
N HIS A 447 -20.43 23.83 22.73
CA HIS A 447 -21.48 23.74 21.72
C HIS A 447 -21.04 22.88 20.54
N GLU A 448 -19.80 23.05 20.07
CA GLU A 448 -19.32 22.21 18.97
C GLU A 448 -19.28 20.74 19.37
N VAL A 449 -18.96 20.45 20.63
CA VAL A 449 -19.01 19.07 21.10
C VAL A 449 -20.44 18.53 20.98
N THR A 450 -21.42 19.31 21.44
CA THR A 450 -22.81 18.87 21.36
C THR A 450 -23.25 18.70 19.90
N ARG A 451 -22.78 19.57 19.00
CA ARG A 451 -23.20 19.49 17.61
C ARG A 451 -22.61 18.27 16.90
N CYS A 452 -21.36 17.91 17.23
CA CYS A 452 -20.61 16.96 16.43
C CYS A 452 -20.56 15.55 17.00
N LEU A 453 -20.88 15.37 18.29
CA LEU A 453 -20.72 14.08 18.96
C LEU A 453 -22.02 13.72 19.63
N PRO A 454 -22.80 12.79 19.08
CA PRO A 454 -24.02 12.35 19.76
C PRO A 454 -23.66 11.60 21.03
N PRO A 455 -24.54 11.54 22.01
CA PRO A 455 -24.22 10.81 23.24
C PRO A 455 -24.05 9.32 22.96
N LEU A 456 -23.33 8.65 23.86
CA LEU A 456 -23.24 7.20 23.84
C LEU A 456 -24.06 6.62 24.99
N ARG B 7 31.02 25.46 -25.69
CA ARG B 7 30.43 24.19 -25.29
C ARG B 7 29.62 23.63 -26.44
N GLN B 8 30.01 22.46 -26.90
CA GLN B 8 29.46 21.86 -28.11
C GLN B 8 28.79 20.54 -27.78
N VAL B 9 27.70 20.25 -28.49
CA VAL B 9 26.97 19.01 -28.30
C VAL B 9 26.40 18.59 -29.63
N THR B 10 26.43 17.28 -29.88
CA THR B 10 25.81 16.66 -31.04
C THR B 10 24.66 15.77 -30.55
N ILE B 11 23.48 15.95 -31.13
CA ILE B 11 22.31 15.17 -30.76
C ILE B 11 21.89 14.34 -31.96
N ILE B 12 21.64 13.05 -31.74
CA ILE B 12 21.13 12.16 -32.76
C ILE B 12 19.64 11.95 -32.49
N GLY B 13 18.80 12.38 -33.43
CA GLY B 13 17.38 12.14 -33.35
C GLY B 13 16.60 13.39 -33.07
N ALA B 14 15.99 13.97 -34.11
CA ALA B 14 15.16 15.16 -33.94
C ALA B 14 13.70 14.75 -33.68
N GLY B 15 13.53 13.94 -32.64
CA GLY B 15 12.20 13.53 -32.24
C GLY B 15 11.66 14.46 -31.17
N LEU B 16 11.08 13.91 -30.12
CA LEU B 16 10.50 14.77 -29.08
C LEU B 16 11.53 15.18 -28.05
N ALA B 17 12.24 14.21 -27.46
CA ALA B 17 13.29 14.54 -26.49
C ALA B 17 14.46 15.25 -27.16
N GLY B 18 14.87 14.78 -28.34
CA GLY B 18 16.07 15.32 -28.96
C GLY B 18 15.91 16.76 -29.37
N THR B 19 14.75 17.10 -29.93
CA THR B 19 14.52 18.46 -30.38
C THR B 19 14.29 19.41 -29.20
N LEU B 20 13.71 18.91 -28.11
CA LEU B 20 13.52 19.75 -26.94
C LEU B 20 14.84 20.07 -26.26
N VAL B 21 15.69 19.05 -26.06
CA VAL B 21 16.96 19.31 -25.39
C VAL B 21 17.85 20.19 -26.27
N ALA B 22 17.74 20.09 -27.59
CA ALA B 22 18.46 21.01 -28.47
C ALA B 22 18.08 22.45 -28.18
N ARG B 23 16.77 22.72 -28.03
CA ARG B 23 16.34 24.08 -27.72
C ARG B 23 16.85 24.52 -26.36
N LEU B 24 16.69 23.67 -25.34
CA LEU B 24 17.09 24.07 -23.99
C LEU B 24 18.58 24.36 -23.93
N LEU B 25 19.39 23.50 -24.55
CA LEU B 25 20.84 23.71 -24.55
C LEU B 25 21.23 24.94 -25.37
N ALA B 26 20.66 25.09 -26.57
CA ALA B 26 20.99 26.26 -27.39
C ALA B 26 20.64 27.56 -26.64
N ARG B 27 19.50 27.59 -25.94
CA ARG B 27 19.15 28.75 -25.15
C ARG B 27 20.15 29.00 -24.02
N ASN B 28 20.72 27.94 -23.45
CA ASN B 28 21.73 28.09 -22.39
C ASN B 28 23.12 28.36 -22.96
N GLY B 29 23.22 28.70 -24.25
CA GLY B 29 24.48 29.09 -24.85
C GLY B 29 25.31 27.99 -25.47
N TRP B 30 24.77 26.79 -25.65
CA TRP B 30 25.52 25.73 -26.31
C TRP B 30 25.45 25.87 -27.82
N GLN B 31 26.50 25.38 -28.50
CA GLN B 31 26.49 25.18 -29.94
C GLN B 31 25.96 23.77 -30.19
N VAL B 32 24.79 23.68 -30.83
CA VAL B 32 24.04 22.43 -30.95
C VAL B 32 23.96 22.04 -32.41
N ASN B 33 24.33 20.80 -32.71
CA ASN B 33 24.14 20.20 -34.02
C ASN B 33 23.27 18.95 -33.84
N LEU B 34 22.13 18.93 -34.50
CA LEU B 34 21.12 17.89 -34.38
C LEU B 34 21.01 17.14 -35.70
N PHE B 35 21.15 15.82 -35.65
CA PHE B 35 21.09 14.98 -36.85
C PHE B 35 19.86 14.10 -36.82
N GLU B 36 19.16 14.02 -37.95
CA GLU B 36 17.91 13.29 -38.06
C GLU B 36 17.89 12.50 -39.35
N ARG B 37 17.48 11.23 -39.25
CA ARG B 37 17.43 10.34 -40.42
C ARG B 37 16.32 10.75 -41.39
N ARG B 38 15.18 11.20 -40.87
CA ARG B 38 14.01 11.48 -41.70
C ARG B 38 14.12 12.86 -42.36
N PRO B 39 13.29 13.11 -43.39
CA PRO B 39 13.28 14.42 -44.02
C PRO B 39 12.67 15.49 -43.11
N ASP B 40 12.91 16.74 -43.49
CA ASP B 40 12.34 17.87 -42.77
C ASP B 40 10.83 17.92 -43.03
N PRO B 41 9.97 17.66 -42.05
CA PRO B 41 8.52 17.65 -42.32
C PRO B 41 7.95 19.04 -42.63
N ARG B 42 8.71 20.10 -42.42
CA ARG B 42 8.22 21.46 -42.67
C ARG B 42 8.28 21.86 -44.13
N ILE B 43 8.98 21.09 -44.97
CA ILE B 43 8.98 21.36 -46.39
C ILE B 43 7.60 21.02 -46.94
N GLU B 44 6.97 21.98 -47.62
CA GLU B 44 5.60 21.78 -48.07
C GLU B 44 5.58 20.74 -49.21
N THR B 45 4.68 19.78 -49.08
CA THR B 45 4.47 18.76 -50.10
C THR B 45 2.98 18.64 -50.38
N GLY B 46 2.59 17.67 -51.18
CA GLY B 46 1.19 17.33 -51.28
C GLY B 46 0.73 16.64 -50.02
N ALA B 47 -0.56 16.72 -49.75
CA ALA B 47 -1.05 16.32 -48.44
C ALA B 47 -0.79 14.83 -48.23
N ARG B 48 -0.18 14.50 -47.08
CA ARG B 48 -0.09 13.13 -46.65
C ARG B 48 -0.45 13.08 -45.16
N GLY B 49 0.55 13.02 -44.30
CA GLY B 49 0.34 13.06 -42.87
C GLY B 49 -0.61 12.02 -42.31
N ARG B 50 -0.04 11.07 -41.58
CA ARG B 50 -0.79 10.15 -40.73
C ARG B 50 -0.57 10.64 -39.31
N SER B 51 0.52 10.21 -38.69
CA SER B 51 0.90 10.69 -37.37
C SER B 51 -0.14 10.38 -36.31
N ILE B 52 0.31 9.74 -35.23
CA ILE B 52 -0.56 9.43 -34.11
C ILE B 52 -0.76 10.68 -33.27
N ASN B 53 -1.89 10.74 -32.58
CA ASN B 53 -2.13 11.75 -31.56
C ASN B 53 -1.65 11.22 -30.20
N LEU B 54 -1.01 12.08 -29.42
CA LEU B 54 -0.40 11.70 -28.17
C LEU B 54 -1.05 12.42 -27.00
N ALA B 55 -1.10 11.75 -25.86
CA ALA B 55 -1.60 12.35 -24.63
C ALA B 55 -0.49 13.13 -23.94
N LEU B 56 -0.65 14.43 -23.86
CA LEU B 56 0.30 15.31 -23.20
C LEU B 56 -0.26 15.69 -21.83
N ALA B 57 0.44 15.33 -20.78
CA ALA B 57 0.02 15.52 -19.41
C ALA B 57 0.86 16.64 -18.76
N GLU B 58 0.71 16.80 -17.44
CA GLU B 58 1.33 17.93 -16.76
C GLU B 58 2.86 17.89 -16.86
N ARG B 59 3.45 16.70 -16.83
CA ARG B 59 4.91 16.59 -16.94
C ARG B 59 5.41 17.16 -18.26
N GLY B 60 4.86 16.66 -19.37
CA GLY B 60 5.27 17.17 -20.67
C GLY B 60 4.93 18.63 -20.85
N ALA B 61 3.74 19.04 -20.42
CA ALA B 61 3.33 20.43 -20.58
C ALA B 61 4.27 21.37 -19.85
N HIS B 62 4.75 20.94 -18.67
CA HIS B 62 5.64 21.78 -17.89
C HIS B 62 7.01 21.87 -18.54
N ALA B 63 7.49 20.76 -19.12
CA ALA B 63 8.74 20.79 -19.86
C ALA B 63 8.65 21.76 -21.04
N LEU B 64 7.51 21.78 -21.72
CA LEU B 64 7.31 22.74 -22.81
C LEU B 64 7.22 24.16 -22.27
N ARG B 65 6.60 24.33 -21.11
CA ARG B 65 6.53 25.64 -20.46
C ARG B 65 7.92 26.18 -20.17
N LEU B 66 8.80 25.34 -19.62
CA LEU B 66 10.18 25.76 -19.36
C LEU B 66 10.88 26.16 -20.64
N ALA B 67 10.56 25.48 -21.75
CA ALA B 67 11.15 25.79 -23.04
C ALA B 67 10.50 26.99 -23.72
N GLY B 68 9.44 27.55 -23.14
CA GLY B 68 8.76 28.66 -23.78
C GLY B 68 7.90 28.28 -24.94
N LEU B 69 7.46 27.02 -25.01
CA LEU B 69 6.74 26.51 -26.17
C LEU B 69 5.34 26.01 -25.84
N GLU B 70 4.93 26.03 -24.57
CA GLU B 70 3.67 25.39 -24.19
C GLU B 70 2.49 26.03 -24.91
N ARG B 71 2.44 27.35 -24.95
CA ARG B 71 1.28 28.02 -25.52
C ARG B 71 1.12 27.67 -27.00
N GLU B 72 2.22 27.62 -27.74
CA GLU B 72 2.13 27.26 -29.16
C GLU B 72 1.64 25.83 -29.33
N VAL B 73 2.08 24.91 -28.45
CA VAL B 73 1.65 23.53 -28.56
C VAL B 73 0.17 23.40 -28.21
N LEU B 74 -0.24 23.99 -27.09
CA LEU B 74 -1.63 23.83 -26.65
C LEU B 74 -2.61 24.48 -27.61
N ALA B 75 -2.17 25.50 -28.34
CA ALA B 75 -3.03 26.11 -29.35
C ALA B 75 -3.50 25.09 -30.38
N GLU B 76 -2.74 24.02 -30.58
CA GLU B 76 -3.04 22.98 -31.57
C GLU B 76 -3.43 21.65 -30.93
N ALA B 77 -3.79 21.67 -29.65
CA ALA B 77 -4.11 20.45 -28.92
C ALA B 77 -5.58 20.44 -28.53
N VAL B 78 -6.15 19.23 -28.48
CA VAL B 78 -7.55 19.04 -28.12
C VAL B 78 -7.60 18.70 -26.64
N MET B 79 -8.43 19.41 -25.89
CA MET B 79 -8.58 19.16 -24.48
C MET B 79 -9.42 17.90 -24.27
N MET B 80 -8.89 16.96 -23.49
CA MET B 80 -9.62 15.76 -23.12
C MET B 80 -10.03 15.91 -21.66
N ARG B 81 -11.33 16.15 -21.43
CA ARG B 81 -11.83 16.38 -20.08
C ARG B 81 -12.04 15.08 -19.31
N GLY B 82 -12.06 13.95 -19.99
CA GLY B 82 -12.31 12.69 -19.32
C GLY B 82 -12.20 11.53 -20.30
N ARG B 83 -12.53 10.35 -19.81
CA ARG B 83 -12.50 9.14 -20.62
C ARG B 83 -13.92 8.72 -20.99
N MET B 84 -14.05 8.18 -22.19
CA MET B 84 -15.29 7.61 -22.72
C MET B 84 -15.07 6.12 -22.90
N VAL B 85 -15.75 5.29 -22.10
CA VAL B 85 -15.56 3.84 -22.14
C VAL B 85 -16.76 3.22 -22.87
N HIS B 86 -16.52 2.75 -24.08
CA HIS B 86 -17.57 2.25 -24.97
C HIS B 86 -17.80 0.76 -24.78
N VAL B 87 -19.01 0.37 -24.40
CA VAL B 87 -19.39 -1.04 -24.41
C VAL B 87 -20.74 -1.14 -25.11
N PRO B 88 -21.01 -2.22 -25.84
CA PRO B 88 -22.24 -2.26 -26.63
C PRO B 88 -23.49 -2.14 -25.75
N GLY B 89 -24.47 -1.41 -26.26
CA GLY B 89 -25.78 -1.32 -25.62
C GLY B 89 -26.19 0.09 -25.27
N THR B 90 -25.21 0.97 -25.01
CA THR B 90 -25.50 2.30 -24.53
C THR B 90 -24.33 3.23 -24.84
N PRO B 91 -24.57 4.49 -25.16
CA PRO B 91 -23.47 5.42 -25.33
C PRO B 91 -22.82 5.70 -24.01
N PRO B 92 -21.50 5.92 -23.97
CA PRO B 92 -20.80 6.17 -22.72
C PRO B 92 -21.08 7.57 -22.18
N ASN B 93 -20.99 7.70 -20.86
CA ASN B 93 -20.98 8.99 -20.19
C ASN B 93 -19.55 9.35 -19.83
N LEU B 94 -19.23 10.64 -19.91
CA LEU B 94 -17.88 11.09 -19.60
C LEU B 94 -17.52 10.76 -18.16
N GLN B 95 -16.35 10.14 -17.97
CA GLN B 95 -15.80 9.97 -16.64
C GLN B 95 -14.72 11.03 -16.46
N PRO B 96 -15.01 12.16 -15.81
CA PRO B 96 -14.06 13.27 -15.81
C PRO B 96 -12.78 12.95 -15.08
N TYR B 97 -11.71 13.63 -15.48
CA TYR B 97 -10.39 13.38 -14.93
C TYR B 97 -10.24 14.04 -13.57
N GLY B 98 -9.74 13.28 -12.59
CA GLY B 98 -9.37 13.85 -11.31
C GLY B 98 -10.47 14.69 -10.71
N ARG B 99 -10.18 15.98 -10.55
CA ARG B 99 -11.08 16.94 -9.92
C ARG B 99 -11.11 18.22 -10.74
N ASP B 100 -12.33 18.72 -10.95
CA ASP B 100 -12.62 20.02 -11.56
C ASP B 100 -12.01 20.22 -12.94
N ASP B 101 -12.10 21.46 -13.43
CA ASP B 101 -11.76 21.79 -14.81
C ASP B 101 -10.26 21.79 -15.07
N SER B 102 -9.44 22.06 -14.05
CA SER B 102 -8.02 22.26 -14.28
C SER B 102 -7.25 20.97 -14.55
N GLU B 103 -7.84 19.81 -14.28
CA GLU B 103 -7.15 18.55 -14.49
C GLU B 103 -7.66 17.94 -15.79
N VAL B 104 -6.90 18.16 -16.87
CA VAL B 104 -7.23 17.63 -18.18
C VAL B 104 -5.98 17.00 -18.78
N ILE B 105 -6.18 16.18 -19.80
CA ILE B 105 -5.11 15.67 -20.63
C ILE B 105 -5.28 16.28 -22.02
N TRP B 106 -4.17 16.66 -22.64
CA TRP B 106 -4.18 17.27 -23.96
C TRP B 106 -3.82 16.23 -25.00
N SER B 107 -4.57 16.22 -26.11
CA SER B 107 -4.24 15.35 -27.24
C SER B 107 -3.53 16.21 -28.28
N ILE B 108 -2.28 15.85 -28.58
CA ILE B 108 -1.43 16.61 -29.48
C ILE B 108 -0.98 15.68 -30.59
N ASN B 109 -1.11 16.14 -31.83
CA ASN B 109 -0.65 15.37 -32.98
C ASN B 109 0.88 15.37 -33.00
N ARG B 110 1.46 14.17 -33.14
N ARG B 110 1.47 14.17 -33.13
CA ARG B 110 2.91 14.03 -33.06
CA ARG B 110 2.92 14.07 -33.03
C ARG B 110 3.61 14.92 -34.08
C ARG B 110 3.61 14.94 -34.08
N ASP B 111 3.10 14.95 -35.32
CA ASP B 111 3.74 15.74 -36.37
C ASP B 111 3.64 17.24 -36.08
N ARG B 112 2.48 17.71 -35.61
CA ARG B 112 2.36 19.11 -35.21
C ARG B 112 3.36 19.46 -34.11
N LEU B 113 3.44 18.62 -33.08
CA LEU B 113 4.37 18.88 -31.99
C LEU B 113 5.81 18.91 -32.50
N ASN B 114 6.16 17.93 -33.33
CA ASN B 114 7.52 17.87 -33.87
C ASN B 114 7.87 19.14 -34.65
N ARG B 115 6.94 19.62 -35.47
CA ARG B 115 7.18 20.83 -36.26
C ARG B 115 7.40 22.04 -35.35
N ILE B 116 6.61 22.15 -34.29
CA ILE B 116 6.79 23.26 -33.35
C ILE B 116 8.14 23.17 -32.67
N LEU B 117 8.53 21.97 -32.23
CA LEU B 117 9.82 21.79 -31.58
C LEU B 117 10.97 22.12 -32.53
N LEU B 118 10.87 21.69 -33.79
CA LEU B 118 11.91 21.99 -34.76
C LEU B 118 12.08 23.50 -34.93
N ASP B 119 10.98 24.22 -35.12
CA ASP B 119 11.05 25.68 -35.21
C ASP B 119 11.65 26.27 -33.95
N GLY B 120 11.24 25.77 -32.78
CA GLY B 120 11.78 26.28 -31.53
C GLY B 120 13.28 26.04 -31.39
N ALA B 121 13.76 24.87 -31.80
CA ALA B 121 15.18 24.59 -31.69
C ALA B 121 15.99 25.49 -32.62
N GLU B 122 15.53 25.66 -33.86
CA GLU B 122 16.23 26.56 -34.78
C GLU B 122 16.17 28.00 -34.30
N ALA B 123 15.03 28.43 -33.74
CA ALA B 123 14.92 29.80 -33.26
C ALA B 123 15.90 30.08 -32.14
N ALA B 124 16.27 29.05 -31.36
CA ALA B 124 17.23 29.22 -30.28
C ALA B 124 18.68 29.13 -30.74
N GLY B 125 18.93 28.78 -32.00
CA GLY B 125 20.28 28.73 -32.54
C GLY B 125 20.81 27.36 -32.89
N ALA B 126 20.00 26.30 -32.78
CA ALA B 126 20.48 24.96 -33.11
C ALA B 126 20.48 24.75 -34.62
N SER B 127 21.47 23.98 -35.09
CA SER B 127 21.54 23.56 -36.48
C SER B 127 21.00 22.14 -36.60
N ILE B 128 20.04 21.95 -37.49
CA ILE B 128 19.36 20.67 -37.66
C ILE B 128 19.68 20.15 -39.05
N HIS B 129 20.19 18.93 -39.12
CA HIS B 129 20.63 18.31 -40.37
C HIS B 129 19.78 17.07 -40.58
N PHE B 130 18.91 17.11 -41.59
CA PHE B 130 17.98 16.03 -41.87
C PHE B 130 18.58 15.06 -42.88
N ASN B 131 17.89 13.92 -43.08
CA ASN B 131 18.27 12.94 -44.07
C ASN B 131 19.66 12.37 -43.80
N LEU B 132 20.03 12.23 -42.54
CA LEU B 132 21.32 11.67 -42.15
C LEU B 132 21.10 10.65 -41.05
N GLY B 133 21.39 9.39 -41.34
CA GLY B 133 21.20 8.31 -40.39
C GLY B 133 22.52 7.89 -39.78
N LEU B 134 22.54 7.85 -38.45
CA LEU B 134 23.73 7.40 -37.72
C LEU B 134 23.98 5.92 -37.98
N ASP B 135 25.22 5.61 -38.36
CA ASP B 135 25.66 4.24 -38.64
C ASP B 135 26.54 3.67 -37.54
N SER B 136 27.47 4.45 -37.00
CA SER B 136 28.39 3.94 -35.99
C SER B 136 28.97 5.11 -35.21
N VAL B 137 29.55 4.77 -34.06
CA VAL B 137 30.16 5.76 -33.16
C VAL B 137 31.47 5.22 -32.63
N ASP B 138 32.50 6.07 -32.62
CA ASP B 138 33.77 5.77 -31.99
C ASP B 138 33.88 6.70 -30.78
N PHE B 139 33.68 6.14 -29.58
CA PHE B 139 33.62 6.96 -28.38
C PHE B 139 34.99 7.44 -27.94
N ALA B 140 36.04 6.68 -28.24
CA ALA B 140 37.40 7.07 -27.88
C ALA B 140 37.88 8.25 -28.71
N ARG B 141 37.83 8.10 -30.04
CA ARG B 141 38.20 9.18 -30.94
C ARG B 141 37.14 10.25 -31.06
N GLN B 142 35.94 10.00 -30.53
CA GLN B 142 34.84 10.98 -30.57
C GLN B 142 34.53 11.36 -32.02
N ARG B 143 34.22 10.32 -32.78
CA ARG B 143 33.86 10.42 -34.18
C ARG B 143 32.69 9.48 -34.44
N LEU B 144 31.79 9.93 -35.31
CA LEU B 144 30.64 9.13 -35.69
C LEU B 144 30.50 9.14 -37.20
N THR B 145 29.78 8.16 -37.72
CA THR B 145 29.58 8.00 -39.14
C THR B 145 28.08 8.06 -39.42
N LEU B 146 27.69 8.89 -40.37
CA LEU B 146 26.31 9.02 -40.80
C LEU B 146 26.18 8.59 -42.26
N SER B 147 25.01 8.06 -42.59
CA SER B 147 24.70 7.60 -43.93
C SER B 147 23.68 8.54 -44.55
N ASN B 148 23.99 9.03 -45.74
CA ASN B 148 23.12 9.98 -46.44
C ASN B 148 22.22 9.24 -47.42
N VAL B 149 21.44 10.02 -48.18
CA VAL B 149 20.39 9.45 -49.02
C VAL B 149 20.98 8.55 -50.10
N SER B 150 22.13 8.93 -50.65
CA SER B 150 22.73 8.18 -51.74
C SER B 150 23.66 7.07 -51.30
N GLY B 151 23.91 6.95 -49.99
CA GLY B 151 24.78 5.93 -49.46
C GLY B 151 26.16 6.42 -49.08
N GLU B 152 26.51 7.66 -49.43
CA GLU B 152 27.78 8.22 -49.00
C GLU B 152 27.82 8.31 -47.48
N ARG B 153 28.97 7.96 -46.91
CA ARG B 153 29.19 8.00 -45.47
C ARG B 153 29.95 9.26 -45.10
N LEU B 154 29.42 10.00 -44.14
CA LEU B 154 30.01 11.24 -43.65
C LEU B 154 30.52 11.02 -42.24
N GLU B 155 31.76 11.39 -41.99
CA GLU B 155 32.37 11.24 -40.68
C GLU B 155 32.45 12.62 -40.02
N LYS B 156 32.07 12.68 -38.75
CA LYS B 156 31.96 13.92 -38.01
C LYS B 156 32.61 13.77 -36.64
N ARG B 157 33.21 14.86 -36.16
CA ARG B 157 33.71 14.91 -34.79
C ARG B 157 32.59 15.36 -33.87
N PHE B 158 32.62 14.87 -32.64
CA PHE B 158 31.75 15.38 -31.59
C PHE B 158 32.55 15.56 -30.32
N HIS B 159 32.05 16.46 -29.46
CA HIS B 159 32.56 16.63 -28.11
C HIS B 159 31.67 15.98 -27.07
N LEU B 160 30.35 16.10 -27.23
CA LEU B 160 29.38 15.41 -26.40
C LEU B 160 28.30 14.87 -27.33
N LEU B 161 27.93 13.60 -27.15
CA LEU B 161 26.94 12.95 -28.00
C LEU B 161 25.72 12.61 -27.18
N ILE B 162 24.56 13.09 -27.61
CA ILE B 162 23.29 12.75 -26.96
C ILE B 162 22.51 11.80 -27.88
N GLY B 163 22.22 10.61 -27.37
CA GLY B 163 21.44 9.64 -28.12
C GLY B 163 19.96 9.79 -27.84
N ALA B 164 19.27 10.50 -28.72
CA ALA B 164 17.84 10.75 -28.62
C ALA B 164 17.12 10.12 -29.79
N ASP B 165 17.57 8.93 -30.19
CA ASP B 165 17.18 8.33 -31.47
C ASP B 165 16.21 7.15 -31.30
N GLY B 166 15.41 7.17 -30.26
CA GLY B 166 14.24 6.31 -30.19
C GLY B 166 14.52 4.94 -29.62
N CYS B 167 13.45 4.12 -29.63
CA CYS B 167 13.49 2.84 -28.95
C CYS B 167 14.42 1.83 -29.62
N ASN B 168 14.79 2.04 -30.89
CA ASN B 168 15.78 1.21 -31.55
C ASN B 168 17.12 1.94 -31.72
N SER B 169 17.46 2.79 -30.75
CA SER B 169 18.59 3.71 -30.80
C SER B 169 19.85 3.08 -31.38
N ALA B 170 20.39 3.73 -32.42
CA ALA B 170 21.70 3.34 -32.94
C ALA B 170 22.83 3.76 -31.99
N VAL B 171 22.64 4.84 -31.25
CA VAL B 171 23.65 5.22 -30.26
C VAL B 171 23.77 4.13 -29.19
N ARG B 172 22.62 3.65 -28.70
CA ARG B 172 22.63 2.60 -27.69
C ARG B 172 23.34 1.36 -28.21
N GLN B 173 23.04 0.95 -29.44
CA GLN B 173 23.69 -0.22 -30.00
C GLN B 173 25.21 -0.01 -30.05
N ALA B 174 25.65 1.20 -30.38
CA ALA B 174 27.08 1.48 -30.39
C ALA B 174 27.66 1.39 -28.98
N MET B 175 26.96 1.93 -27.98
CA MET B 175 27.45 1.86 -26.61
C MET B 175 27.65 0.42 -26.17
N ALA B 176 26.70 -0.46 -26.51
CA ALA B 176 26.70 -1.82 -25.99
C ALA B 176 27.95 -2.60 -26.38
N SER B 177 28.68 -2.15 -27.39
CA SER B 177 29.92 -2.83 -27.78
C SER B 177 31.14 -2.32 -27.04
N VAL B 178 31.00 -1.30 -26.19
CA VAL B 178 32.11 -0.78 -25.42
C VAL B 178 31.88 -0.83 -23.91
N VAL B 179 30.64 -0.94 -23.44
CA VAL B 179 30.34 -1.06 -22.02
C VAL B 179 29.16 -2.00 -21.88
N ASP B 180 29.10 -2.68 -20.73
CA ASP B 180 27.98 -3.56 -20.43
C ASP B 180 26.80 -2.68 -19.99
N LEU B 181 25.78 -2.61 -20.83
CA LEU B 181 24.60 -1.81 -20.50
C LEU B 181 23.67 -2.53 -19.53
N GLY B 182 23.95 -3.79 -19.21
CA GLY B 182 23.07 -4.54 -18.32
C GLY B 182 21.68 -4.72 -18.86
N GLU B 183 21.54 -5.02 -20.14
CA GLU B 183 20.24 -4.93 -20.80
C GLU B 183 19.34 -6.09 -20.36
N HIS B 184 18.09 -5.77 -20.05
CA HIS B 184 17.04 -6.76 -19.81
C HIS B 184 15.84 -6.34 -20.63
N LEU B 185 15.46 -7.17 -21.59
CA LEU B 185 14.33 -6.89 -22.47
C LEU B 185 13.16 -7.77 -22.06
N GLU B 186 12.01 -7.15 -21.86
CA GLU B 186 10.78 -7.85 -21.45
C GLU B 186 9.73 -7.58 -22.51
N THR B 187 9.50 -8.55 -23.37
CA THR B 187 8.51 -8.43 -24.42
C THR B 187 7.13 -8.80 -23.86
N GLN B 188 6.11 -8.18 -24.42
CA GLN B 188 4.75 -8.50 -24.03
C GLN B 188 4.03 -9.17 -25.18
N PRO B 189 3.04 -10.02 -24.88
CA PRO B 189 2.40 -10.82 -25.95
C PRO B 189 1.49 -10.02 -26.87
N HIS B 190 1.29 -8.74 -26.63
CA HIS B 190 0.40 -7.92 -27.45
C HIS B 190 1.19 -7.15 -28.50
N GLY B 191 0.63 -7.08 -29.71
CA GLY B 191 1.05 -6.11 -30.69
C GLY B 191 0.04 -4.97 -30.75
N TYR B 192 0.31 -4.02 -31.65
CA TYR B 192 -0.63 -2.94 -31.87
C TYR B 192 -0.67 -2.57 -33.35
N LYS B 193 -1.79 -2.00 -33.76
CA LYS B 193 -1.95 -1.49 -35.11
C LYS B 193 -2.69 -0.16 -35.03
N GLU B 194 -2.18 0.83 -35.74
CA GLU B 194 -2.76 2.17 -35.73
C GLU B 194 -3.78 2.31 -36.85
N LEU B 195 -4.97 2.78 -36.48
CA LEU B 195 -6.11 2.94 -37.37
C LEU B 195 -6.67 4.34 -37.19
N GLN B 196 -7.63 4.68 -38.06
CA GLN B 196 -8.16 6.04 -38.11
C GLN B 196 -9.68 6.06 -38.14
N ILE B 197 -10.25 7.05 -37.47
CA ILE B 197 -11.64 7.47 -37.64
C ILE B 197 -11.58 8.82 -38.35
N THR B 198 -12.27 8.92 -39.49
CA THR B 198 -12.24 10.16 -40.25
C THR B 198 -13.11 11.22 -39.56
N PRO B 199 -12.83 12.50 -39.84
CA PRO B 199 -13.72 13.55 -39.34
C PRO B 199 -15.16 13.29 -39.72
N GLU B 200 -15.38 12.71 -40.89
CA GLU B 200 -16.72 12.48 -41.38
C GLU B 200 -17.42 11.40 -40.57
N ALA B 201 -16.73 10.27 -40.36
CA ALA B 201 -17.29 9.23 -39.50
C ALA B 201 -17.53 9.75 -38.08
N SER B 202 -16.55 10.48 -37.52
CA SER B 202 -16.65 10.93 -36.15
C SER B 202 -17.88 11.80 -35.91
N ALA B 203 -18.15 12.74 -36.81
CA ALA B 203 -19.32 13.61 -36.64
C ALA B 203 -20.60 12.81 -36.84
N GLN B 204 -20.59 11.87 -37.79
CA GLN B 204 -21.79 11.10 -38.09
C GLN B 204 -22.25 10.29 -36.87
N PHE B 205 -21.30 9.75 -36.10
CA PHE B 205 -21.63 8.96 -34.91
C PHE B 205 -21.53 9.75 -33.60
N ASN B 206 -21.46 11.07 -33.63
CA ASN B 206 -21.54 11.90 -32.42
C ASN B 206 -20.46 11.47 -31.43
N LEU B 207 -19.27 11.15 -31.96
CA LEU B 207 -18.14 10.79 -31.09
C LEU B 207 -17.54 12.07 -30.52
N GLU B 208 -17.54 12.16 -29.19
CA GLU B 208 -17.16 13.38 -28.48
C GLU B 208 -15.69 13.70 -28.72
N PRO B 209 -15.37 14.88 -29.28
CA PRO B 209 -13.95 15.18 -29.55
C PRO B 209 -13.13 15.44 -28.29
N ASN B 210 -13.73 16.02 -27.26
CA ASN B 210 -12.97 16.49 -26.09
C ASN B 210 -12.90 15.42 -25.00
N ALA B 211 -12.46 14.22 -25.40
CA ALA B 211 -12.40 13.09 -24.49
C ALA B 211 -11.45 12.05 -25.06
N LEU B 212 -10.94 11.21 -24.17
CA LEU B 212 -10.19 10.01 -24.56
C LEU B 212 -11.16 8.83 -24.62
N HIS B 213 -11.09 8.05 -25.68
CA HIS B 213 -12.07 7.00 -25.96
C HIS B 213 -11.43 5.62 -25.88
N ILE B 214 -12.14 4.69 -25.23
CA ILE B 214 -11.66 3.32 -25.03
C ILE B 214 -12.77 2.35 -25.37
N TRP B 215 -12.42 1.27 -26.09
CA TRP B 215 -13.30 0.14 -26.37
C TRP B 215 -12.67 -1.09 -25.73
N PRO B 216 -12.99 -1.41 -24.47
CA PRO B 216 -12.38 -2.57 -23.82
C PRO B 216 -12.98 -3.89 -24.30
N HIS B 217 -12.14 -4.93 -24.27
CA HIS B 217 -12.58 -6.26 -24.65
C HIS B 217 -11.70 -7.35 -24.02
N GLY B 218 -11.33 -7.15 -22.76
CA GLY B 218 -10.54 -8.14 -22.04
C GLY B 218 -9.10 -8.22 -22.50
N ASP B 219 -8.75 -9.32 -23.17
CA ASP B 219 -7.39 -9.54 -23.63
C ASP B 219 -7.00 -8.65 -24.80
N TYR B 220 -7.94 -7.86 -25.35
CA TYR B 220 -7.64 -6.93 -26.41
C TYR B 220 -8.54 -5.72 -26.26
N MET B 221 -8.20 -4.64 -26.95
CA MET B 221 -8.88 -3.37 -26.76
C MET B 221 -8.47 -2.38 -27.84
N CYS B 222 -9.25 -1.29 -27.95
CA CYS B 222 -8.88 -0.15 -28.76
C CYS B 222 -8.97 1.13 -27.93
N ILE B 223 -8.09 2.07 -28.26
CA ILE B 223 -8.07 3.40 -27.64
C ILE B 223 -7.92 4.43 -28.75
N ALA B 224 -8.62 5.55 -28.62
CA ALA B 224 -8.62 6.59 -29.64
C ALA B 224 -8.38 7.95 -29.02
N LEU B 225 -7.53 8.75 -29.66
CA LEU B 225 -7.26 10.12 -29.24
C LEU B 225 -7.65 11.10 -30.34
N PRO B 226 -8.22 12.24 -29.99
CA PRO B 226 -8.76 13.16 -30.99
C PRO B 226 -7.71 14.06 -31.63
N ASN B 227 -8.06 14.52 -32.83
CA ASN B 227 -7.31 15.55 -33.53
C ASN B 227 -8.20 16.78 -33.72
N LEU B 228 -7.56 17.92 -34.01
CA LEU B 228 -8.28 19.17 -34.20
C LEU B 228 -9.40 19.05 -35.24
N ASP B 229 -9.17 18.29 -36.29
CA ASP B 229 -10.12 18.16 -37.38
C ASP B 229 -11.22 17.15 -37.09
N ARG B 230 -11.34 16.70 -35.85
CA ARG B 230 -12.36 15.78 -35.37
C ARG B 230 -12.06 14.35 -35.81
N SER B 231 -10.94 14.09 -36.45
CA SER B 231 -10.50 12.71 -36.63
C SER B 231 -9.91 12.16 -35.32
N PHE B 232 -9.85 10.84 -35.25
CA PHE B 232 -9.22 10.15 -34.13
C PHE B 232 -8.21 9.18 -34.70
N THR B 233 -7.11 8.98 -33.98
CA THR B 233 -6.21 7.88 -34.27
C THR B 233 -6.55 6.77 -33.29
N VAL B 234 -6.81 5.58 -33.82
CA VAL B 234 -7.23 4.42 -33.04
C VAL B 234 -6.07 3.45 -33.00
N THR B 235 -5.76 2.93 -31.81
CA THR B 235 -4.76 1.89 -31.66
C THR B 235 -5.43 0.63 -31.14
N LEU B 236 -5.35 -0.44 -31.92
CA LEU B 236 -5.78 -1.77 -31.50
C LEU B 236 -4.61 -2.46 -30.80
N PHE B 237 -4.88 -3.01 -29.62
CA PHE B 237 -3.93 -3.86 -28.90
C PHE B 237 -4.49 -5.27 -28.89
N LEU B 238 -3.68 -6.23 -29.33
CA LEU B 238 -4.15 -7.58 -29.60
C LEU B 238 -2.97 -8.54 -29.62
N HIS B 239 -3.18 -9.73 -29.05
CA HIS B 239 -2.14 -10.75 -29.05
C HIS B 239 -1.57 -10.98 -30.45
N HIS B 240 -0.26 -11.14 -30.51
CA HIS B 240 0.39 -11.52 -31.77
C HIS B 240 -0.15 -12.85 -32.27
N GLN B 241 -0.20 -13.85 -31.39
CA GLN B 241 -0.54 -15.22 -31.79
C GLN B 241 -1.61 -15.77 -30.87
N SER B 242 -2.37 -16.73 -31.39
CA SER B 242 -3.32 -17.47 -30.56
C SER B 242 -2.60 -18.60 -29.82
N PRO B 243 -2.83 -18.75 -28.51
CA PRO B 243 -2.25 -19.88 -27.76
C PRO B 243 -2.70 -21.24 -28.31
N ALA B 248 -7.72 -20.15 -32.48
CA ALA B 248 -8.82 -20.16 -31.51
C ALA B 248 -9.21 -18.72 -31.13
N SER B 249 -8.59 -18.19 -30.09
CA SER B 249 -8.89 -16.84 -29.63
C SER B 249 -8.30 -15.80 -30.59
N PRO B 250 -8.85 -14.59 -30.60
CA PRO B 250 -8.41 -13.59 -31.59
C PRO B 250 -6.94 -13.26 -31.46
N SER B 251 -6.29 -13.07 -32.60
CA SER B 251 -4.89 -12.64 -32.63
C SER B 251 -4.59 -12.08 -34.02
N PHE B 252 -3.49 -11.33 -34.11
CA PHE B 252 -3.08 -10.81 -35.41
C PHE B 252 -2.82 -11.94 -36.41
N ALA B 253 -2.43 -13.12 -35.91
CA ALA B 253 -2.20 -14.24 -36.81
C ALA B 253 -3.47 -14.66 -37.53
N GLN B 254 -4.64 -14.40 -36.92
CA GLN B 254 -5.91 -14.69 -37.57
C GLN B 254 -6.26 -13.66 -38.63
N LEU B 255 -5.72 -12.44 -38.51
CA LEU B 255 -6.12 -11.31 -39.35
C LEU B 255 -5.19 -11.20 -40.56
N VAL B 256 -5.35 -12.16 -41.48
CA VAL B 256 -4.39 -12.31 -42.56
C VAL B 256 -4.43 -11.16 -43.55
N ASP B 257 -5.52 -10.40 -43.61
CA ASP B 257 -5.60 -9.25 -44.50
C ASP B 257 -6.66 -8.29 -43.98
N GLY B 258 -6.91 -7.23 -44.74
CA GLY B 258 -7.83 -6.20 -44.30
C GLY B 258 -9.26 -6.68 -44.19
N HIS B 259 -9.67 -7.59 -45.08
CA HIS B 259 -11.03 -8.12 -45.02
C HIS B 259 -11.24 -8.93 -43.75
N ALA B 260 -10.24 -9.70 -43.34
CA ALA B 260 -10.33 -10.45 -42.09
C ALA B 260 -10.39 -9.51 -40.90
N ALA B 261 -9.57 -8.45 -40.90
CA ALA B 261 -9.66 -7.44 -39.85
C ALA B 261 -11.07 -6.89 -39.76
N ARG B 262 -11.67 -6.56 -40.90
CA ARG B 262 -13.02 -6.00 -40.90
C ARG B 262 -14.01 -6.96 -40.24
N ARG B 263 -13.95 -8.24 -40.61
CA ARG B 263 -14.86 -9.21 -40.01
C ARG B 263 -14.60 -9.35 -38.52
N PHE B 264 -13.34 -9.23 -38.11
CA PHE B 264 -13.02 -9.24 -36.68
C PHE B 264 -13.64 -8.03 -35.97
N PHE B 265 -13.51 -6.83 -36.56
CA PHE B 265 -14.07 -5.65 -35.92
C PHE B 265 -15.59 -5.70 -35.92
N GLN B 266 -16.20 -6.15 -37.03
CA GLN B 266 -17.65 -6.22 -37.07
C GLN B 266 -18.19 -7.14 -35.99
N ARG B 267 -17.44 -8.18 -35.63
CA ARG B 267 -17.89 -9.12 -34.61
C ARG B 267 -17.61 -8.63 -33.20
N GLN B 268 -16.36 -8.25 -32.92
CA GLN B 268 -15.94 -7.97 -31.55
C GLN B 268 -16.10 -6.51 -31.17
N PHE B 269 -16.10 -5.60 -32.14
CA PHE B 269 -16.25 -4.17 -31.90
C PHE B 269 -17.35 -3.63 -32.79
N PRO B 270 -18.58 -4.14 -32.63
CA PRO B 270 -19.64 -3.76 -33.59
C PRO B 270 -19.98 -2.29 -33.54
N ASP B 271 -19.87 -1.69 -32.35
CA ASP B 271 -20.11 -0.27 -32.18
C ASP B 271 -18.94 0.61 -32.62
N LEU B 272 -17.78 0.04 -32.94
CA LEU B 272 -16.64 0.80 -33.47
C LEU B 272 -16.40 0.63 -34.95
N SER B 273 -16.63 -0.57 -35.48
CA SER B 273 -16.29 -0.86 -36.87
C SER B 273 -16.87 0.11 -37.89
N PRO B 274 -18.13 0.52 -37.81
CA PRO B 274 -18.66 1.42 -38.86
C PRO B 274 -17.89 2.73 -38.97
N MET B 275 -17.24 3.18 -37.90
CA MET B 275 -16.46 4.41 -37.93
C MET B 275 -15.10 4.24 -38.58
N LEU B 276 -14.65 2.99 -38.81
CA LEU B 276 -13.32 2.74 -39.37
C LEU B 276 -13.47 2.53 -40.88
N ASP B 277 -13.64 3.64 -41.60
CA ASP B 277 -13.89 3.55 -43.04
C ASP B 277 -12.71 3.01 -43.82
N SER B 278 -11.48 3.40 -43.46
CA SER B 278 -10.30 2.95 -44.20
C SER B 278 -9.64 1.74 -43.53
N LEU B 279 -10.43 0.92 -42.83
CA LEU B 279 -9.87 -0.15 -42.02
C LEU B 279 -9.03 -1.11 -42.85
N GLU B 280 -9.56 -1.57 -43.98
CA GLU B 280 -8.87 -2.58 -44.78
C GLU B 280 -7.49 -2.08 -45.20
N GLN B 281 -7.43 -0.86 -45.77
CA GLN B 281 -6.14 -0.33 -46.20
C GLN B 281 -5.22 -0.04 -45.03
N ASP B 282 -5.73 0.62 -43.99
CA ASP B 282 -4.89 0.88 -42.82
C ASP B 282 -4.28 -0.40 -42.28
N PHE B 283 -5.05 -1.49 -42.30
CA PHE B 283 -4.57 -2.74 -41.71
C PHE B 283 -3.45 -3.33 -42.54
N GLU B 284 -3.56 -3.29 -43.87
CA GLU B 284 -2.51 -3.84 -44.71
C GLU B 284 -1.34 -2.89 -44.83
N HIS B 285 -1.59 -1.58 -44.87
CA HIS B 285 -0.51 -0.62 -45.06
C HIS B 285 0.30 -0.41 -43.79
N HIS B 286 -0.37 -0.24 -42.65
CA HIS B 286 0.40 0.00 -41.43
C HIS B 286 0.94 -1.33 -40.89
N PRO B 287 2.18 -1.34 -40.40
CA PRO B 287 2.73 -2.56 -39.83
C PRO B 287 2.26 -2.78 -38.40
N THR B 288 2.33 -4.03 -37.97
CA THR B 288 1.97 -4.39 -36.60
C THR B 288 3.15 -4.09 -35.69
N GLY B 289 2.95 -3.19 -34.74
CA GLY B 289 4.01 -2.84 -33.81
C GLY B 289 4.18 -3.86 -32.71
N LYS B 290 5.36 -3.84 -32.10
CA LYS B 290 5.68 -4.71 -30.98
C LYS B 290 5.72 -3.91 -29.69
N LEU B 291 5.40 -4.58 -28.58
CA LEU B 291 5.40 -3.97 -27.26
C LEU B 291 6.48 -4.62 -26.41
N ALA B 292 7.36 -3.81 -25.83
CA ALA B 292 8.40 -4.33 -24.98
C ALA B 292 8.87 -3.26 -24.01
N THR B 293 9.46 -3.72 -22.91
CA THR B 293 10.13 -2.87 -21.94
C THR B 293 11.60 -3.24 -21.93
N LEU B 294 12.47 -2.25 -22.04
CA LEU B 294 13.91 -2.47 -22.04
C LEU B 294 14.51 -1.64 -20.92
N ARG B 295 15.20 -2.33 -20.01
CA ARG B 295 15.81 -1.70 -18.84
C ARG B 295 17.32 -1.84 -18.95
N LEU B 296 18.02 -0.75 -18.68
CA LEU B 296 19.49 -0.69 -18.74
C LEU B 296 20.03 -0.30 -17.38
N THR B 297 21.17 -0.87 -17.01
CA THR B 297 21.81 -0.44 -15.77
C THR B 297 22.58 0.86 -15.97
N THR B 298 23.11 1.13 -17.17
CA THR B 298 23.80 2.39 -17.43
C THR B 298 23.37 3.01 -18.75
N TRP B 299 23.31 4.34 -18.75
CA TRP B 299 22.87 5.13 -19.90
C TRP B 299 23.96 5.95 -20.55
N HIS B 300 25.21 5.82 -20.12
CA HIS B 300 26.24 6.73 -20.63
C HIS B 300 27.57 6.03 -20.69
N VAL B 301 28.44 6.59 -21.53
CA VAL B 301 29.84 6.17 -21.64
C VAL B 301 30.68 7.37 -21.22
N GLY B 302 31.27 7.29 -20.02
CA GLY B 302 32.02 8.39 -19.46
C GLY B 302 31.34 9.74 -19.63
N GLY B 303 32.11 10.74 -20.05
CA GLY B 303 31.57 12.03 -20.41
C GLY B 303 31.31 12.22 -21.89
N GLN B 304 31.36 11.15 -22.68
CA GLN B 304 31.30 11.26 -24.13
C GLN B 304 29.91 11.12 -24.71
N ALA B 305 29.04 10.31 -24.11
CA ALA B 305 27.75 10.03 -24.73
C ALA B 305 26.73 9.65 -23.67
N VAL B 306 25.47 10.00 -23.92
CA VAL B 306 24.38 9.66 -23.02
C VAL B 306 23.12 9.41 -23.84
N LEU B 307 22.23 8.57 -23.29
CA LEU B 307 20.95 8.26 -23.91
C LEU B 307 19.84 8.95 -23.13
N LEU B 308 18.76 9.30 -23.84
CA LEU B 308 17.57 9.75 -23.13
C LEU B 308 16.33 9.43 -23.96
N GLY B 309 15.17 9.58 -23.32
CA GLY B 309 13.90 9.24 -23.91
C GLY B 309 13.82 7.76 -24.20
N ASP B 310 13.15 7.43 -25.31
CA ASP B 310 12.96 6.02 -25.67
C ASP B 310 14.29 5.31 -25.86
N ALA B 311 15.35 6.05 -26.22
CA ALA B 311 16.65 5.42 -26.38
C ALA B 311 17.12 4.79 -25.07
N ALA B 312 16.81 5.43 -23.94
CA ALA B 312 17.26 4.96 -22.64
C ALA B 312 16.34 3.95 -21.99
N HIS B 313 15.02 4.05 -22.21
CA HIS B 313 14.05 3.28 -21.42
C HIS B 313 12.78 3.06 -22.23
N PRO B 314 12.84 2.22 -23.26
CA PRO B 314 11.62 1.82 -23.97
C PRO B 314 10.59 1.25 -23.02
N MET B 315 9.33 1.67 -23.18
CA MET B 315 8.26 1.22 -22.30
C MET B 315 7.01 0.95 -23.12
N VAL B 316 6.07 0.25 -22.52
CA VAL B 316 4.78 -0.04 -23.18
C VAL B 316 3.99 1.26 -23.18
N PRO B 317 3.16 1.51 -24.19
CA PRO B 317 2.50 2.82 -24.28
C PRO B 317 1.22 2.97 -23.47
N PHE B 318 1.04 2.21 -22.40
CA PHE B 318 -0.30 2.05 -21.83
C PHE B 318 -0.65 3.03 -20.72
N HIS B 319 0.26 3.89 -20.30
CA HIS B 319 -0.11 5.00 -19.41
C HIS B 319 -0.07 6.35 -20.13
N GLY B 320 0.22 6.35 -21.43
CA GLY B 320 0.38 7.59 -22.18
C GLY B 320 1.42 8.51 -21.58
N GLN B 321 2.59 7.95 -21.25
CA GLN B 321 3.62 8.69 -20.53
C GLN B 321 5.00 8.60 -21.15
N GLY B 322 5.18 7.87 -22.25
CA GLY B 322 6.49 7.79 -22.87
C GLY B 322 7.00 9.13 -23.33
N MET B 323 6.15 9.88 -24.05
CA MET B 323 6.56 11.23 -24.48
C MET B 323 6.74 12.15 -23.28
N ASN B 324 5.80 12.10 -22.33
CA ASN B 324 5.91 12.96 -21.16
C ASN B 324 7.22 12.71 -20.41
N CYS B 325 7.60 11.43 -20.27
CA CYS B 325 8.86 11.11 -19.60
C CYS B 325 10.06 11.57 -20.41
N ALA B 326 9.98 11.44 -21.73
CA ALA B 326 11.09 11.86 -22.59
C ALA B 326 11.29 13.37 -22.52
N LEU B 327 10.20 14.13 -22.48
CA LEU B 327 10.32 15.59 -22.35
C LEU B 327 10.89 15.96 -20.99
N GLU B 328 10.41 15.30 -19.93
CA GLU B 328 11.00 15.44 -18.60
C GLU B 328 12.50 15.13 -18.63
N ASP B 329 12.89 14.07 -19.32
CA ASP B 329 14.30 13.72 -19.43
C ASP B 329 15.11 14.86 -20.01
N ALA B 330 14.59 15.49 -21.08
CA ALA B 330 15.33 16.56 -21.74
C ALA B 330 15.63 17.70 -20.78
N VAL B 331 14.65 18.07 -19.96
CA VAL B 331 14.84 19.14 -18.98
C VAL B 331 15.93 18.73 -17.99
N ALA B 332 15.81 17.53 -17.42
CA ALA B 332 16.78 17.08 -16.42
C ALA B 332 18.19 17.08 -16.97
N LEU B 333 18.38 16.59 -18.20
CA LEU B 333 19.72 16.54 -18.77
C LEU B 333 20.30 17.94 -18.97
N ALA B 334 19.50 18.85 -19.52
CA ALA B 334 19.97 20.22 -19.70
C ALA B 334 20.32 20.87 -18.36
N GLU B 335 19.50 20.66 -17.33
CA GLU B 335 19.81 21.21 -16.02
C GLU B 335 21.12 20.65 -15.49
N HIS B 336 21.35 19.34 -15.61
CA HIS B 336 22.59 18.78 -15.08
C HIS B 336 23.78 19.28 -15.85
N LEU B 337 23.62 19.47 -17.17
CA LEU B 337 24.71 20.01 -17.97
C LEU B 337 25.02 21.45 -17.60
N GLN B 338 24.05 22.17 -17.00
CA GLN B 338 24.28 23.54 -16.60
C GLN B 338 25.03 23.66 -15.27
N SER B 339 24.94 22.65 -14.41
CA SER B 339 25.50 22.76 -13.07
C SER B 339 26.69 21.83 -12.86
N ALA B 340 27.23 21.25 -13.93
CA ALA B 340 28.37 20.35 -13.81
C ALA B 340 29.65 21.06 -14.20
N ALA B 341 30.74 20.63 -13.59
CA ALA B 341 32.06 21.14 -13.94
C ALA B 341 32.59 20.48 -15.21
N ASP B 342 32.14 19.26 -15.48
CA ASP B 342 32.51 18.53 -16.68
C ASP B 342 31.37 17.62 -17.08
N ASN B 343 31.44 17.14 -18.32
CA ASN B 343 30.37 16.32 -18.87
C ASN B 343 30.22 14.99 -18.13
N ALA B 344 31.34 14.40 -17.69
CA ALA B 344 31.26 13.11 -17.00
C ALA B 344 30.40 13.20 -15.75
N SER B 345 30.57 14.28 -14.96
CA SER B 345 29.73 14.45 -13.78
C SER B 345 28.27 14.62 -14.17
N ALA B 346 28.01 15.45 -15.18
CA ALA B 346 26.63 15.71 -15.61
C ALA B 346 25.93 14.42 -16.02
N LEU B 347 26.61 13.57 -16.79
CA LEU B 347 25.94 12.38 -17.32
C LEU B 347 25.71 11.35 -16.21
N ALA B 348 26.67 11.20 -15.30
CA ALA B 348 26.46 10.31 -14.17
C ALA B 348 25.34 10.82 -13.26
N ALA B 349 25.28 12.14 -13.06
CA ALA B 349 24.20 12.71 -12.24
C ALA B 349 22.85 12.52 -12.90
N PHE B 350 22.76 12.79 -14.20
CA PHE B 350 21.52 12.61 -14.92
C PHE B 350 21.03 11.17 -14.84
N THR B 351 21.93 10.21 -15.11
CA THR B 351 21.56 8.80 -15.07
C THR B 351 21.07 8.40 -13.68
N ALA B 352 21.80 8.82 -12.64
CA ALA B 352 21.43 8.42 -11.28
C ALA B 352 20.11 9.05 -10.83
N GLN B 353 19.79 10.25 -11.32
CA GLN B 353 18.51 10.87 -10.96
C GLN B 353 17.36 10.19 -11.70
N ARG B 354 17.51 9.99 -13.01
CA ARG B 354 16.39 9.63 -13.85
C ARG B 354 16.14 8.13 -13.94
N GLN B 355 17.15 7.31 -13.72
CA GLN B 355 16.95 5.88 -13.88
C GLN B 355 15.92 5.30 -12.92
N PRO B 356 15.92 5.63 -11.63
CA PRO B 356 14.86 5.11 -10.75
C PRO B 356 13.48 5.55 -11.17
N ASP B 357 13.35 6.79 -11.68
CA ASP B 357 12.07 7.26 -12.17
C ASP B 357 11.64 6.53 -13.43
N ALA B 358 12.58 6.27 -14.34
CA ALA B 358 12.26 5.51 -15.55
C ALA B 358 11.75 4.12 -15.20
N LEU B 359 12.44 3.43 -14.28
CA LEU B 359 12.00 2.11 -13.87
C LEU B 359 10.58 2.14 -13.30
N ALA B 360 10.26 3.19 -12.54
CA ALA B 360 8.93 3.30 -11.94
C ALA B 360 7.85 3.46 -13.00
N ILE B 361 8.04 4.38 -13.95
CA ILE B 361 7.00 4.57 -14.96
C ILE B 361 6.91 3.36 -15.88
N GLN B 362 8.05 2.70 -16.14
CA GLN B 362 7.99 1.46 -16.90
C GLN B 362 7.10 0.42 -16.20
N ALA B 363 7.18 0.34 -14.88
CA ALA B 363 6.34 -0.61 -14.15
C ALA B 363 4.88 -0.15 -14.10
N MET B 364 4.64 1.14 -13.89
CA MET B 364 3.28 1.65 -13.84
C MET B 364 2.59 1.57 -15.20
N ALA B 365 3.35 1.75 -16.29
CA ALA B 365 2.79 1.54 -17.62
C ALA B 365 2.34 0.09 -17.79
N LEU B 366 3.16 -0.86 -17.33
CA LEU B 366 2.78 -2.26 -17.43
C LEU B 366 1.56 -2.59 -16.57
N GLU B 367 1.42 -1.93 -15.41
CA GLU B 367 0.26 -2.16 -14.56
C GLU B 367 -1.01 -1.60 -15.18
N ASN B 368 -0.91 -0.44 -15.84
CA ASN B 368 -2.01 0.05 -16.66
C ASN B 368 -2.35 -0.94 -17.77
N TYR B 369 -1.32 -1.55 -18.37
CA TYR B 369 -1.53 -2.53 -19.44
C TYR B 369 -2.24 -3.77 -18.93
N VAL B 370 -1.89 -4.24 -17.73
CA VAL B 370 -2.57 -5.41 -17.17
C VAL B 370 -4.00 -5.07 -16.75
N GLU B 371 -4.22 -3.85 -16.28
CA GLU B 371 -5.56 -3.42 -15.89
C GLU B 371 -6.50 -3.38 -17.10
N MET B 372 -6.06 -2.74 -18.18
CA MET B 372 -6.90 -2.61 -19.37
C MET B 372 -6.88 -3.89 -20.19
N SER B 378 -15.93 -4.90 -11.26
CA SER B 378 -15.52 -4.56 -9.91
C SER B 378 -15.45 -5.77 -9.00
N PRO B 379 -14.26 -6.38 -8.87
CA PRO B 379 -14.03 -7.27 -7.72
C PRO B 379 -14.18 -6.44 -6.45
N THR B 380 -13.36 -5.39 -6.42
CA THR B 380 -13.51 -4.28 -5.48
C THR B 380 -12.92 -3.04 -6.12
N TYR B 381 -12.48 -3.11 -7.38
CA TYR B 381 -11.74 -2.02 -8.00
C TYR B 381 -12.56 -0.74 -8.06
N LEU B 382 -13.82 -0.84 -8.50
CA LEU B 382 -14.64 0.36 -8.59
C LEU B 382 -14.87 0.97 -7.21
N LEU B 383 -15.02 0.13 -6.19
CA LEU B 383 -15.23 0.65 -4.85
C LEU B 383 -13.94 1.28 -4.31
N GLU B 384 -12.78 0.68 -4.62
CA GLU B 384 -11.52 1.31 -4.24
C GLU B 384 -11.37 2.67 -4.89
N ARG B 385 -11.66 2.77 -6.19
CA ARG B 385 -11.53 4.04 -6.89
C ARG B 385 -12.45 5.09 -6.29
N GLU B 386 -13.70 4.71 -6.01
CA GLU B 386 -14.65 5.63 -5.41
C GLU B 386 -14.18 6.10 -4.04
N LEU B 387 -13.69 5.17 -3.21
CA LEU B 387 -13.22 5.54 -1.87
C LEU B 387 -12.04 6.50 -1.97
N GLY B 388 -11.12 6.25 -2.90
CA GLY B 388 -9.96 7.12 -3.04
C GLY B 388 -10.31 8.53 -3.46
N GLN B 389 -11.38 8.69 -4.24
CA GLN B 389 -11.81 10.05 -4.61
C GLN B 389 -12.34 10.79 -3.39
N ILE B 390 -13.07 10.09 -2.52
CA ILE B 390 -13.57 10.68 -1.28
C ILE B 390 -12.41 11.11 -0.40
N MET B 391 -11.39 10.25 -0.25
CA MET B 391 -10.25 10.57 0.59
C MET B 391 -9.39 11.68 -0.02
N ALA B 392 -9.29 11.72 -1.35
CA ALA B 392 -8.58 12.83 -1.98
C ALA B 392 -9.30 14.14 -1.72
N GLN B 393 -10.63 14.12 -1.74
CA GLN B 393 -11.40 15.33 -1.44
C GLN B 393 -11.21 15.75 0.00
N ARG B 394 -11.27 14.80 0.95
CA ARG B 394 -11.22 15.14 2.36
C ARG B 394 -9.82 15.57 2.80
N GLN B 395 -8.78 15.00 2.19
CA GLN B 395 -7.39 15.21 2.60
C GLN B 395 -6.54 15.44 1.35
N PRO B 396 -6.72 16.58 0.68
CA PRO B 396 -6.10 16.73 -0.65
C PRO B 396 -4.59 16.84 -0.63
N THR B 397 -3.97 17.13 0.51
CA THR B 397 -2.51 17.20 0.59
C THR B 397 -1.86 15.88 1.00
N ARG B 398 -2.65 14.88 1.39
CA ARG B 398 -2.11 13.60 1.81
C ARG B 398 -2.47 12.46 0.86
N PHE B 399 -3.73 12.37 0.44
CA PHE B 399 -4.19 11.32 -0.46
C PHE B 399 -4.39 11.88 -1.86
N ILE B 400 -3.43 11.61 -2.75
CA ILE B 400 -3.53 11.96 -4.15
C ILE B 400 -3.51 10.64 -4.92
N PRO B 401 -4.57 10.29 -5.65
CA PRO B 401 -4.58 9.01 -6.37
C PRO B 401 -3.36 8.89 -7.27
N ARG B 402 -2.81 7.68 -7.34
CA ARG B 402 -1.57 7.48 -8.10
C ARG B 402 -1.74 7.93 -9.55
N TYR B 403 -2.94 7.75 -10.12
CA TYR B 403 -3.17 8.21 -11.48
C TYR B 403 -2.92 9.72 -11.58
N SER B 404 -3.43 10.47 -10.60
CA SER B 404 -3.26 11.93 -10.62
C SER B 404 -1.82 12.33 -10.34
N MET B 405 -1.14 11.62 -9.43
CA MET B 405 0.28 11.90 -9.22
C MET B 405 1.07 11.74 -10.52
N VAL B 406 0.78 10.69 -11.29
CA VAL B 406 1.50 10.47 -12.54
C VAL B 406 1.08 11.50 -13.58
N THR B 407 -0.23 11.73 -13.73
CA THR B 407 -0.74 12.48 -14.88
C THR B 407 -0.83 13.97 -14.62
N PHE B 408 -1.11 14.41 -13.39
CA PHE B 408 -1.42 15.81 -13.13
C PHE B 408 -0.44 16.48 -12.19
N SER B 409 0.67 15.81 -11.84
CA SER B 409 1.68 16.40 -10.99
C SER B 409 3.06 16.14 -11.57
N ARG B 410 4.06 16.77 -10.97
CA ARG B 410 5.46 16.60 -11.35
C ARG B 410 6.24 15.80 -10.32
N LEU B 411 5.57 15.19 -9.36
CA LEU B 411 6.26 14.36 -8.37
C LEU B 411 7.09 13.30 -9.09
N PRO B 412 8.35 13.09 -8.71
CA PRO B 412 9.15 12.05 -9.37
C PRO B 412 8.40 10.72 -9.41
N TYR B 413 8.46 10.07 -10.58
CA TYR B 413 7.71 8.83 -10.78
C TYR B 413 7.91 7.84 -9.63
N ALA B 414 9.16 7.69 -9.17
CA ALA B 414 9.45 6.71 -8.12
C ALA B 414 8.73 7.03 -6.83
N GLN B 415 8.53 8.31 -6.51
CA GLN B 415 7.79 8.70 -5.32
C GLN B 415 6.29 8.52 -5.51
N ALA B 416 5.80 8.77 -6.73
CA ALA B 416 4.41 8.44 -7.05
C ALA B 416 4.14 6.96 -6.81
N MET B 417 5.04 6.10 -7.28
CA MET B 417 4.85 4.67 -7.10
C MET B 417 4.97 4.27 -5.63
N ALA B 418 5.89 4.90 -4.91
CA ALA B 418 6.07 4.60 -3.49
C ALA B 418 4.84 5.01 -2.69
N ARG B 419 4.36 6.24 -2.90
CA ARG B 419 3.15 6.67 -2.21
C ARG B 419 1.95 5.86 -2.65
N GLY B 420 1.88 5.52 -3.94
CA GLY B 420 0.79 4.71 -4.43
C GLY B 420 0.70 3.37 -3.77
N GLN B 421 1.86 2.79 -3.41
CA GLN B 421 1.90 1.51 -2.72
C GLN B 421 1.20 1.61 -1.36
N ILE B 422 1.53 2.64 -0.59
CA ILE B 422 0.87 2.85 0.70
C ILE B 422 -0.63 3.04 0.49
N GLN B 423 -1.01 3.88 -0.48
CA GLN B 423 -2.42 4.21 -0.70
C GLN B 423 -3.23 3.00 -1.14
N GLU B 424 -2.69 2.15 -2.01
CA GLU B 424 -3.46 1.00 -2.46
C GLU B 424 -3.65 -0.01 -1.33
N GLN B 425 -2.62 -0.22 -0.50
CA GLN B 425 -2.80 -1.05 0.68
C GLN B 425 -3.94 -0.52 1.53
N LEU B 426 -3.92 0.79 1.80
CA LEU B 426 -4.93 1.41 2.64
C LEU B 426 -6.33 1.24 2.07
N LEU B 427 -6.49 1.50 0.77
CA LEU B 427 -7.80 1.35 0.15
C LEU B 427 -8.25 -0.12 0.12
N LYS B 428 -7.34 -1.02 -0.23
CA LYS B 428 -7.72 -2.42 -0.37
C LYS B 428 -8.20 -2.99 0.96
N PHE B 429 -7.56 -2.59 2.07
CA PHE B 429 -8.01 -3.07 3.37
C PHE B 429 -9.28 -2.37 3.83
N ALA B 430 -9.51 -1.12 3.39
CA ALA B 430 -10.71 -0.40 3.81
C ALA B 430 -11.96 -0.95 3.13
N VAL B 431 -11.86 -1.39 1.87
CA VAL B 431 -13.04 -1.83 1.14
C VAL B 431 -13.25 -3.34 1.20
N ALA B 432 -12.20 -4.11 1.51
CA ALA B 432 -12.29 -5.56 1.49
C ALA B 432 -13.53 -6.04 2.23
N ASN B 433 -14.28 -6.94 1.59
CA ASN B 433 -15.48 -7.53 2.16
C ASN B 433 -16.57 -6.49 2.40
N HIS B 434 -16.68 -5.51 1.50
CA HIS B 434 -17.81 -4.60 1.49
C HIS B 434 -18.37 -4.62 0.08
N SER B 435 -19.69 -4.76 -0.04
CA SER B 435 -20.33 -4.68 -1.35
C SER B 435 -20.49 -3.25 -1.83
N ASP B 436 -20.84 -2.33 -0.93
CA ASP B 436 -20.98 -0.93 -1.28
C ASP B 436 -20.23 -0.05 -0.30
N LEU B 437 -20.38 1.25 -0.43
CA LEU B 437 -19.60 2.21 0.33
C LEU B 437 -20.26 2.61 1.64
N THR B 438 -21.57 2.36 1.79
CA THR B 438 -22.29 2.83 2.97
C THR B 438 -21.93 2.07 4.23
N SER B 439 -21.28 0.91 4.11
CA SER B 439 -20.82 0.16 5.27
C SER B 439 -19.42 0.55 5.72
N ILE B 440 -18.77 1.47 5.00
CA ILE B 440 -17.42 1.91 5.34
C ILE B 440 -17.51 3.16 6.19
N ASN B 441 -16.85 3.12 7.35
CA ASN B 441 -16.77 4.29 8.24
C ASN B 441 -15.71 5.23 7.68
N LEU B 442 -16.17 6.31 7.04
CA LEU B 442 -15.25 7.22 6.37
C LEU B 442 -14.35 7.96 7.35
N ASP B 443 -14.87 8.28 8.54
CA ASP B 443 -14.04 8.92 9.55
C ASP B 443 -12.89 8.03 9.97
N ALA B 444 -13.16 6.73 10.15
CA ALA B 444 -12.09 5.79 10.50
C ALA B 444 -11.09 5.66 9.37
N VAL B 445 -11.55 5.63 8.12
CA VAL B 445 -10.60 5.59 7.00
C VAL B 445 -9.78 6.86 6.95
N GLU B 446 -10.41 8.02 7.15
CA GLU B 446 -9.67 9.27 7.10
C GLU B 446 -8.60 9.32 8.19
N HIS B 447 -8.89 8.79 9.38
CA HIS B 447 -7.87 8.70 10.41
C HIS B 447 -6.69 7.87 9.92
N GLU B 448 -6.96 6.75 9.25
CA GLU B 448 -5.88 5.90 8.75
C GLU B 448 -5.05 6.63 7.69
N VAL B 449 -5.70 7.46 6.86
CA VAL B 449 -4.96 8.25 5.88
C VAL B 449 -3.98 9.18 6.61
N THR B 450 -4.46 9.84 7.66
CA THR B 450 -3.61 10.76 8.42
C THR B 450 -2.45 10.02 9.08
N ARG B 451 -2.69 8.81 9.58
CA ARG B 451 -1.65 8.06 10.27
C ARG B 451 -0.58 7.54 9.31
N CYS B 452 -0.97 7.19 8.09
CA CYS B 452 -0.09 6.44 7.18
C CYS B 452 0.54 7.28 6.08
N LEU B 453 0.03 8.48 5.81
CA LEU B 453 0.48 9.28 4.66
C LEU B 453 0.87 10.69 5.10
N PRO B 454 2.16 11.02 5.13
CA PRO B 454 2.56 12.41 5.44
C PRO B 454 2.13 13.36 4.33
N PRO B 455 2.01 14.65 4.62
CA PRO B 455 1.63 15.61 3.57
C PRO B 455 2.69 15.72 2.49
N LEU B 456 2.26 16.27 1.35
CA LEU B 456 3.17 16.67 0.29
C LEU B 456 3.29 18.20 0.27
#